data_5JQH
#
_entry.id   5JQH
#
_cell.length_a   43.924
_cell.length_b   164.486
_cell.length_c   218.749
_cell.angle_alpha   90.00
_cell.angle_beta   90.00
_cell.angle_gamma   90.00
#
_symmetry.space_group_name_H-M   'P 21 21 21'
#
loop_
_entity.id
_entity.type
_entity.pdbx_description
1 polymer 'Endolysin,Beta-2 adrenergic receptor'
2 polymer 'Nanobody60, Nb60'
3 non-polymer (2S)-1-(9H-Carbazol-4-yloxy)-3-(isopropylamino)propan-2-ol
4 non-polymer CHOLESTEROL
#
loop_
_entity_poly.entity_id
_entity_poly.type
_entity_poly.pdbx_seq_one_letter_code
_entity_poly.pdbx_strand_id
1 'polypeptide(L)'
;DYKDDDDAENLYFQGNIFEMLRIDEGLRLKIYKDTEGYYTIGIGHLLTKSPSLNAAKSELDKAIGRNTNGVITKDEAEKL
FNQDVDAAVRGILRNAKLKPVYDSLDAVRRAALINMVFQMGETGVAGFTNSLRMLQQKRWDEAAVNLAKSRWYNQTPNRA
KRVITTFRTGTWDAYAADEVWVVGMGIVMSLIVLAIVFGNVLVITAIAKFERLQTVTNYFITSLACADLVMGLAVVPFGA
AHILTKTWTFGNFWCEFWTSIDVLCVTASIETLCVIAVDRYFAITSPFKYQSLLTKNKARVIILMVWIVSGLTSFLPIQM
HWYRATHQEAINCYAEETCCDFFTNQAYAIASSIVSFYVPLVIMVFVYSRVFQEAKRQLQKIDIDKFALKEHKALKTLGI
IMGTFTLCWLPFFIVNIVHVIQDNLIRKEVYILLNWIGYVNSGFNPLIYCRSPDFRIAFQELLCLRRSSLK
;
A,B
2 'polypeptide(L)'
;QVQLQESGGGLVQAGGSLRLSCAASGSIFSLNDMGWYRQAPGKLRELVAAITSGGSTKYADSVKGRFTISRDNAKNTVYL
QMNSLKAEDTAVYYCNAKVAGTFSIYDYWGQGTQVTVSSHHHHHH
;
D,C
#
# COMPACT_ATOMS: atom_id res chain seq x y z
N ASN A 16 19.28 -27.28 2.05
CA ASN A 16 18.09 -28.12 1.94
C ASN A 16 17.60 -28.20 0.49
N ILE A 17 17.41 -27.02 -0.12
CA ILE A 17 16.99 -26.89 -1.51
C ILE A 17 15.64 -27.58 -1.74
N PHE A 18 14.83 -27.66 -0.69
CA PHE A 18 13.50 -28.23 -0.83
C PHE A 18 12.57 -27.26 -1.54
N GLU A 19 12.64 -25.97 -1.19
CA GLU A 19 11.86 -24.96 -1.89
C GLU A 19 12.41 -24.65 -3.28
N MET A 20 13.69 -24.93 -3.52
CA MET A 20 14.25 -24.71 -4.85
C MET A 20 13.61 -25.63 -5.87
N LEU A 21 13.49 -26.92 -5.55
CA LEU A 21 12.77 -27.85 -6.41
C LEU A 21 11.26 -27.62 -6.36
N ARG A 22 10.75 -27.04 -5.28
CA ARG A 22 9.32 -26.75 -5.19
C ARG A 22 8.93 -25.60 -6.10
N ILE A 23 9.86 -24.66 -6.36
CA ILE A 23 9.58 -23.55 -7.26
C ILE A 23 9.62 -23.96 -8.73
N ASP A 24 10.06 -25.18 -9.03
CA ASP A 24 10.17 -25.68 -10.40
C ASP A 24 9.25 -26.88 -10.55
N GLU A 25 8.20 -26.72 -11.35
CA GLU A 25 7.21 -27.79 -11.60
C GLU A 25 6.59 -28.29 -10.29
N PHE A 81 8.84 -37.14 -2.25
CA PHE A 81 9.76 -36.18 -2.83
C PHE A 81 11.10 -36.19 -2.08
N ASN A 82 11.03 -36.46 -0.78
CA ASN A 82 12.25 -36.51 0.03
C ASN A 82 13.13 -37.70 -0.34
N GLN A 83 12.52 -38.79 -0.83
CA GLN A 83 13.30 -39.95 -1.22
C GLN A 83 14.11 -39.68 -2.48
N ASP A 84 13.58 -38.86 -3.39
CA ASP A 84 14.31 -38.53 -4.61
C ASP A 84 15.48 -37.59 -4.34
N VAL A 85 15.34 -36.71 -3.35
CA VAL A 85 16.42 -35.78 -3.03
C VAL A 85 17.61 -36.52 -2.43
N ASP A 86 17.33 -37.40 -1.46
CA ASP A 86 18.41 -38.16 -0.84
C ASP A 86 19.08 -39.12 -1.81
N ALA A 87 18.31 -39.64 -2.79
CA ALA A 87 18.90 -40.53 -3.78
C ALA A 87 19.80 -39.77 -4.75
N ALA A 88 19.43 -38.54 -5.10
CA ALA A 88 20.26 -37.74 -5.99
C ALA A 88 21.54 -37.31 -5.31
N VAL A 89 21.49 -37.03 -4.00
CA VAL A 89 22.68 -36.67 -3.26
C VAL A 89 23.63 -37.85 -3.15
N ARG A 90 23.08 -39.05 -2.92
CA ARG A 90 23.91 -40.24 -2.87
C ARG A 90 24.48 -40.60 -4.24
N GLY A 91 23.76 -40.27 -5.31
CA GLY A 91 24.27 -40.53 -6.65
C GLY A 91 25.42 -39.64 -7.04
N ILE A 92 25.46 -38.43 -6.49
CA ILE A 92 26.57 -37.51 -6.80
C ILE A 92 27.83 -37.94 -6.06
N LEU A 93 27.68 -38.42 -4.82
CA LEU A 93 28.85 -38.82 -4.03
C LEU A 93 29.45 -40.11 -4.53
N ARG A 94 28.63 -41.03 -5.04
CA ARG A 94 29.16 -42.29 -5.57
C ARG A 94 29.78 -42.13 -6.95
N ASN A 95 29.39 -41.09 -7.69
CA ASN A 95 29.95 -40.86 -9.02
C ASN A 95 31.38 -40.33 -8.90
N ALA A 96 32.25 -40.76 -9.81
CA ALA A 96 33.65 -40.36 -9.82
C ALA A 96 33.91 -39.13 -10.66
N LYS A 97 32.89 -38.54 -11.29
CA LYS A 97 33.03 -37.31 -12.05
C LYS A 97 32.20 -36.18 -11.46
N LEU A 98 31.37 -36.46 -10.45
CA LEU A 98 30.62 -35.45 -9.74
C LEU A 98 31.13 -35.19 -8.33
N LYS A 99 31.83 -36.15 -7.70
CA LYS A 99 32.32 -35.92 -6.34
C LYS A 99 33.41 -34.85 -6.31
N PRO A 100 34.39 -34.82 -7.22
CA PRO A 100 35.38 -33.73 -7.14
C PRO A 100 34.81 -32.35 -7.38
N VAL A 101 33.74 -32.24 -8.19
CA VAL A 101 33.10 -30.96 -8.43
C VAL A 101 32.21 -30.57 -7.26
N TYR A 102 31.48 -31.52 -6.69
CA TYR A 102 30.60 -31.22 -5.57
C TYR A 102 31.37 -30.78 -4.34
N ASP A 103 32.60 -31.29 -4.17
CA ASP A 103 33.44 -30.93 -3.04
C ASP A 103 34.23 -29.65 -3.28
N SER A 104 33.93 -28.91 -4.35
CA SER A 104 34.61 -27.66 -4.66
C SER A 104 33.63 -26.50 -4.81
N LEU A 105 32.35 -26.71 -4.53
CA LEU A 105 31.33 -25.69 -4.67
C LEU A 105 30.80 -25.29 -3.30
N ASP A 106 30.38 -24.03 -3.19
CA ASP A 106 29.78 -23.54 -1.96
C ASP A 106 28.41 -24.17 -1.76
N ALA A 107 27.88 -24.02 -0.54
CA ALA A 107 26.61 -24.65 -0.18
C ALA A 107 25.48 -24.20 -1.10
N VAL A 108 25.57 -22.99 -1.65
CA VAL A 108 24.55 -22.52 -2.57
C VAL A 108 24.67 -23.22 -3.92
N ARG A 109 25.90 -23.28 -4.46
CA ARG A 109 26.11 -23.89 -5.76
C ARG A 109 26.02 -25.42 -5.71
N ARG A 110 26.18 -26.02 -4.54
CA ARG A 110 25.99 -27.47 -4.42
C ARG A 110 24.54 -27.85 -4.65
N ALA A 111 23.61 -27.03 -4.13
CA ALA A 111 22.19 -27.30 -4.35
C ALA A 111 21.80 -27.08 -5.81
N ALA A 112 22.46 -26.14 -6.49
CA ALA A 112 22.21 -25.95 -7.92
C ALA A 112 22.75 -27.11 -8.74
N LEU A 113 23.80 -27.78 -8.25
CA LEU A 113 24.32 -28.96 -8.94
C LEU A 113 23.37 -30.14 -8.77
N ILE A 114 22.76 -30.28 -7.58
CA ILE A 114 21.79 -31.34 -7.37
C ILE A 114 20.52 -31.06 -8.17
N ASN A 115 20.23 -29.79 -8.45
CA ASN A 115 19.05 -29.45 -9.25
C ASN A 115 19.18 -29.99 -10.67
N MET A 116 20.40 -30.04 -11.21
CA MET A 116 20.60 -30.59 -12.55
C MET A 116 20.55 -32.11 -12.54
N VAL A 117 21.06 -32.73 -11.48
CA VAL A 117 21.03 -34.19 -11.38
C VAL A 117 19.59 -34.67 -11.19
N PHE A 118 18.81 -33.95 -10.39
CA PHE A 118 17.40 -34.32 -10.20
C PHE A 118 16.58 -34.08 -11.46
N GLN A 119 17.01 -33.14 -12.30
CA GLN A 119 16.31 -32.85 -13.56
C GLN A 119 16.81 -33.74 -14.69
N MET A 120 18.09 -33.60 -15.06
CA MET A 120 18.65 -34.40 -16.14
C MET A 120 18.95 -35.82 -15.67
N GLY A 121 19.98 -35.98 -14.86
CA GLY A 121 20.34 -37.29 -14.35
C GLY A 121 21.79 -37.32 -13.93
N GLU A 122 22.15 -38.41 -13.26
CA GLU A 122 23.53 -38.58 -12.81
C GLU A 122 24.47 -38.75 -13.99
N THR A 123 24.06 -39.52 -15.00
CA THR A 123 24.87 -39.67 -16.20
C THR A 123 24.79 -38.45 -17.11
N GLY A 124 23.63 -37.80 -17.17
CA GLY A 124 23.49 -36.62 -18.00
C GLY A 124 24.31 -35.44 -17.50
N VAL A 125 24.39 -35.28 -16.18
CA VAL A 125 25.21 -34.22 -15.61
C VAL A 125 26.69 -34.49 -15.86
N ALA A 126 27.10 -35.76 -15.84
CA ALA A 126 28.49 -36.10 -16.12
C ALA A 126 28.87 -35.85 -17.57
N GLY A 127 27.89 -35.72 -18.47
CA GLY A 127 28.20 -35.43 -19.86
C GLY A 127 28.82 -34.06 -20.05
N PHE A 128 28.50 -33.11 -19.17
CA PHE A 128 29.08 -31.76 -19.23
C PHE A 128 30.50 -31.82 -18.68
N THR A 129 31.41 -32.37 -19.49
CA THR A 129 32.81 -32.45 -19.07
C THR A 129 33.45 -31.06 -19.04
N ASN A 130 33.18 -30.24 -20.04
CA ASN A 130 33.76 -28.90 -20.07
C ASN A 130 33.13 -27.99 -19.02
N SER A 131 31.85 -28.19 -18.71
CA SER A 131 31.18 -27.32 -17.76
C SER A 131 31.64 -27.58 -16.33
N LEU A 132 31.75 -28.85 -15.93
CA LEU A 132 32.20 -29.17 -14.60
C LEU A 132 33.66 -28.77 -14.37
N ARG A 133 34.47 -28.76 -15.44
CA ARG A 133 35.86 -28.36 -15.30
C ARG A 133 35.99 -26.87 -15.02
N MET A 134 35.11 -26.05 -15.62
CA MET A 134 35.14 -24.61 -15.36
C MET A 134 34.61 -24.29 -13.97
N LEU A 135 33.63 -25.04 -13.48
CA LEU A 135 33.16 -24.85 -12.11
C LEU A 135 34.21 -25.28 -11.10
N GLN A 136 35.00 -26.31 -11.41
CA GLN A 136 36.08 -26.73 -10.52
C GLN A 136 37.21 -25.70 -10.48
N GLN A 137 37.41 -24.97 -11.57
CA GLN A 137 38.40 -23.90 -11.62
C GLN A 137 37.83 -22.56 -11.16
N LYS A 138 36.60 -22.55 -10.65
CA LYS A 138 35.97 -21.32 -10.12
C LYS A 138 35.87 -20.24 -11.18
N ARG A 139 35.57 -20.64 -12.42
CA ARG A 139 35.39 -19.70 -13.53
C ARG A 139 33.89 -19.59 -13.80
N TRP A 140 33.21 -18.78 -12.99
CA TRP A 140 31.76 -18.66 -13.09
C TRP A 140 31.34 -17.94 -14.37
N ASP A 141 32.08 -16.89 -14.74
CA ASP A 141 31.73 -16.13 -15.93
C ASP A 141 31.92 -16.95 -17.20
N GLU A 142 32.93 -17.83 -17.22
CA GLU A 142 33.15 -18.67 -18.39
C GLU A 142 32.22 -19.89 -18.41
N ALA A 143 31.83 -20.39 -17.23
CA ALA A 143 30.88 -21.49 -17.16
C ALA A 143 29.45 -21.05 -17.42
N ALA A 144 29.17 -19.74 -17.33
CA ALA A 144 27.82 -19.26 -17.62
C ALA A 144 27.52 -19.31 -19.11
N VAL A 145 28.51 -18.97 -19.94
CA VAL A 145 28.32 -19.07 -21.38
C VAL A 145 28.44 -20.50 -21.87
N ASN A 146 29.15 -21.36 -21.12
CA ASN A 146 29.29 -22.76 -21.52
C ASN A 146 28.03 -23.57 -21.23
N LEU A 147 27.30 -23.22 -20.18
CA LEU A 147 26.04 -23.90 -19.86
C LEU A 147 24.87 -23.42 -20.72
N ALA A 148 25.05 -22.34 -21.48
CA ALA A 148 24.03 -21.85 -22.39
C ALA A 148 24.11 -22.49 -23.76
N LYS A 149 25.09 -23.35 -24.00
CA LYS A 149 25.28 -24.02 -25.29
C LYS A 149 25.06 -25.52 -25.12
N SER A 150 23.80 -25.89 -24.89
CA SER A 150 23.44 -27.28 -24.70
C SER A 150 21.96 -27.45 -25.02
N ARG A 151 21.55 -28.71 -25.18
CA ARG A 151 20.14 -29.01 -25.40
C ARG A 151 19.30 -28.78 -24.14
N TRP A 152 19.93 -28.79 -22.97
CA TRP A 152 19.21 -28.51 -21.73
C TRP A 152 18.87 -27.04 -21.60
N TYR A 153 19.72 -26.15 -22.12
CA TYR A 153 19.44 -24.72 -22.05
C TYR A 153 18.39 -24.30 -23.08
N ASN A 154 18.26 -25.04 -24.17
CA ASN A 154 17.27 -24.74 -25.19
C ASN A 154 15.95 -25.47 -24.97
N GLN A 155 15.95 -26.53 -24.16
CA GLN A 155 14.70 -27.22 -23.85
C GLN A 155 13.82 -26.37 -22.93
N THR A 156 14.36 -25.96 -21.79
CA THR A 156 13.66 -25.09 -20.84
C THR A 156 14.49 -23.84 -20.61
N PRO A 157 14.16 -22.73 -21.28
CA PRO A 157 14.95 -21.50 -21.08
C PRO A 157 14.71 -20.85 -19.74
N ASN A 158 13.52 -20.99 -19.16
CA ASN A 158 13.25 -20.40 -17.86
C ASN A 158 13.89 -21.19 -16.73
N ARG A 159 13.99 -22.51 -16.86
CA ARG A 159 14.58 -23.34 -15.83
C ARG A 159 16.10 -23.27 -15.84
N ALA A 160 16.70 -23.23 -17.04
CA ALA A 160 18.15 -23.24 -17.14
C ALA A 160 18.74 -21.88 -16.76
N LYS A 161 18.07 -20.80 -17.11
CA LYS A 161 18.59 -19.46 -16.82
C LYS A 161 18.71 -19.23 -15.32
N ARG A 162 17.82 -19.82 -14.53
CA ARG A 162 17.91 -19.68 -13.07
C ARG A 162 19.02 -20.55 -12.49
N VAL A 163 19.35 -21.66 -13.13
CA VAL A 163 20.44 -22.51 -12.65
C VAL A 163 21.79 -21.91 -13.02
N ILE A 164 21.91 -21.37 -14.24
CA ILE A 164 23.16 -20.74 -14.66
C ILE A 164 23.46 -19.52 -13.78
N THR A 165 22.44 -18.71 -13.51
CA THR A 165 22.64 -17.55 -12.65
C THR A 165 23.03 -17.97 -11.24
N THR A 166 22.49 -19.07 -10.75
CA THR A 166 22.86 -19.56 -9.43
C THR A 166 24.32 -20.01 -9.41
N PHE A 167 24.79 -20.61 -10.50
CA PHE A 167 26.19 -21.00 -10.58
C PHE A 167 27.11 -19.79 -10.72
N ARG A 168 26.69 -18.79 -11.50
CA ARG A 168 27.56 -17.65 -11.77
C ARG A 168 27.67 -16.74 -10.55
N THR A 169 26.54 -16.35 -9.98
CA THR A 169 26.55 -15.43 -8.85
C THR A 169 26.77 -16.12 -7.52
N GLY A 170 26.46 -17.42 -7.42
CA GLY A 170 26.55 -18.10 -6.14
C GLY A 170 25.48 -17.71 -5.15
N THR A 171 24.41 -17.08 -5.62
CA THR A 171 23.32 -16.61 -4.78
C THR A 171 22.01 -17.14 -5.31
N TRP A 172 20.93 -16.89 -4.56
CA TRP A 172 19.58 -17.26 -4.97
C TRP A 172 18.86 -16.11 -5.65
N ASP A 173 19.60 -15.19 -6.29
CA ASP A 173 18.98 -14.03 -6.91
C ASP A 173 18.04 -14.41 -8.04
N ALA A 174 18.33 -15.52 -8.74
CA ALA A 174 17.46 -15.95 -9.83
C ALA A 174 16.12 -16.45 -9.30
N TYR A 175 16.10 -17.05 -8.11
CA TYR A 175 14.87 -17.54 -7.51
C TYR A 175 14.23 -16.53 -6.56
N ALA A 176 15.01 -15.62 -5.99
CA ALA A 176 14.44 -14.60 -5.10
C ALA A 176 13.71 -13.52 -5.89
N ALA A 177 14.32 -13.04 -6.98
CA ALA A 177 13.66 -12.02 -7.80
C ALA A 177 12.37 -12.54 -8.42
N ASP A 178 12.34 -13.82 -8.79
CA ASP A 178 11.11 -14.42 -9.30
C ASP A 178 10.10 -14.66 -8.20
N GLU A 179 10.52 -14.65 -6.94
CA GLU A 179 9.61 -14.81 -5.81
C GLU A 179 9.13 -13.48 -5.25
N VAL A 180 10.00 -12.46 -5.25
CA VAL A 180 9.57 -11.13 -4.82
C VAL A 180 8.59 -10.54 -5.83
N TRP A 181 8.75 -10.86 -7.11
CA TRP A 181 7.82 -10.34 -8.12
C TRP A 181 6.41 -10.86 -7.89
N VAL A 182 6.27 -12.13 -7.51
CA VAL A 182 4.95 -12.70 -7.23
C VAL A 182 4.33 -12.00 -6.02
N VAL A 183 5.13 -11.79 -4.97
CA VAL A 183 4.62 -11.11 -3.78
C VAL A 183 4.30 -9.66 -4.10
N GLY A 184 5.21 -8.96 -4.79
CA GLY A 184 4.99 -7.56 -5.08
C GLY A 184 3.80 -7.33 -6.01
N MET A 185 3.69 -8.16 -7.06
CA MET A 185 2.54 -8.05 -7.95
C MET A 185 1.27 -8.56 -7.29
N GLY A 186 1.40 -9.45 -6.30
CA GLY A 186 0.22 -9.95 -5.61
C GLY A 186 -0.44 -8.90 -4.74
N ILE A 187 0.38 -8.03 -4.13
CA ILE A 187 -0.18 -6.94 -3.34
C ILE A 187 -0.90 -5.94 -4.23
N VAL A 188 -0.34 -5.66 -5.41
CA VAL A 188 -0.94 -4.69 -6.31
C VAL A 188 -2.30 -5.18 -6.81
N MET A 189 -2.37 -6.45 -7.23
CA MET A 189 -3.64 -7.00 -7.70
C MET A 189 -4.65 -7.10 -6.57
N SER A 190 -4.20 -7.30 -5.34
CA SER A 190 -5.12 -7.33 -4.20
C SER A 190 -5.70 -5.94 -3.94
N LEU A 191 -4.90 -4.89 -4.12
CA LEU A 191 -5.40 -3.53 -3.97
C LEU A 191 -6.39 -3.19 -5.07
N ILE A 192 -6.23 -3.76 -6.27
CA ILE A 192 -7.20 -3.54 -7.34
C ILE A 192 -8.55 -4.14 -6.96
N VAL A 193 -8.53 -5.36 -6.41
CA VAL A 193 -9.77 -5.99 -5.94
C VAL A 193 -10.41 -5.14 -4.86
N LEU A 194 -9.61 -4.68 -3.90
CA LEU A 194 -10.14 -3.88 -2.80
C LEU A 194 -10.70 -2.55 -3.31
N ALA A 195 -10.03 -1.94 -4.30
CA ALA A 195 -10.51 -0.68 -4.84
C ALA A 195 -11.79 -0.86 -5.64
N ILE A 196 -11.94 -2.00 -6.33
CA ILE A 196 -13.14 -2.25 -7.11
C ILE A 196 -14.33 -2.53 -6.19
N VAL A 197 -14.14 -3.44 -5.23
CA VAL A 197 -15.24 -3.82 -4.35
C VAL A 197 -15.68 -2.63 -3.51
N PHE A 198 -14.75 -2.04 -2.76
CA PHE A 198 -15.09 -0.92 -1.90
C PHE A 198 -15.63 0.27 -2.69
N GLY A 199 -15.14 0.48 -3.91
CA GLY A 199 -15.62 1.58 -4.72
C GLY A 199 -17.06 1.36 -5.18
N ASN A 200 -17.36 0.17 -5.69
CA ASN A 200 -18.69 -0.10 -6.23
C ASN A 200 -19.72 -0.30 -5.13
N VAL A 201 -19.34 -0.93 -4.01
CA VAL A 201 -20.28 -1.09 -2.91
C VAL A 201 -20.68 0.26 -2.34
N LEU A 202 -19.78 1.25 -2.45
CA LEU A 202 -20.13 2.60 -2.01
C LEU A 202 -21.16 3.23 -2.95
N VAL A 203 -21.03 2.99 -4.26
CA VAL A 203 -22.00 3.50 -5.21
C VAL A 203 -23.36 2.84 -5.01
N ILE A 204 -23.38 1.53 -4.77
CA ILE A 204 -24.63 0.82 -4.53
C ILE A 204 -25.31 1.35 -3.28
N THR A 205 -24.53 1.54 -2.21
CA THR A 205 -25.11 1.98 -0.95
C THR A 205 -25.61 3.41 -1.03
N ALA A 206 -24.89 4.28 -1.75
CA ALA A 206 -25.26 5.68 -1.82
C ALA A 206 -26.61 5.87 -2.51
N ILE A 207 -26.90 5.05 -3.52
CA ILE A 207 -28.16 5.18 -4.24
C ILE A 207 -29.27 4.46 -3.49
N ALA A 208 -28.97 3.30 -2.91
CA ALA A 208 -30.01 2.51 -2.24
C ALA A 208 -30.45 3.15 -0.92
N LYS A 209 -29.63 4.01 -0.32
CA LYS A 209 -29.97 4.64 0.94
C LYS A 209 -30.64 5.99 0.75
N PHE A 210 -29.93 6.93 0.12
CA PHE A 210 -30.46 8.28 -0.05
C PHE A 210 -31.61 8.28 -1.05
N GLU A 211 -32.76 8.81 -0.61
CA GLU A 211 -33.94 8.86 -1.46
C GLU A 211 -33.86 9.96 -2.52
N ARG A 212 -32.96 10.92 -2.36
CA ARG A 212 -32.81 11.99 -3.34
C ARG A 212 -32.02 11.56 -4.57
N LEU A 213 -31.30 10.44 -4.50
CA LEU A 213 -30.53 9.92 -5.62
C LEU A 213 -31.26 8.81 -6.37
N GLN A 214 -32.58 8.77 -6.26
CA GLN A 214 -33.37 7.71 -6.89
C GLN A 214 -33.84 8.15 -8.28
N THR A 215 -32.88 8.24 -9.20
CA THR A 215 -33.15 8.59 -10.58
C THR A 215 -32.94 7.39 -11.49
N VAL A 216 -33.57 7.44 -12.66
CA VAL A 216 -33.50 6.33 -13.61
C VAL A 216 -32.05 6.07 -14.02
N THR A 217 -31.28 7.13 -14.23
CA THR A 217 -29.88 6.96 -14.59
C THR A 217 -29.10 6.27 -13.48
N ASN A 218 -29.39 6.61 -12.22
CA ASN A 218 -28.73 5.95 -11.10
C ASN A 218 -29.12 4.49 -11.00
N TYR A 219 -30.32 4.13 -11.47
CA TYR A 219 -30.68 2.71 -11.53
C TYR A 219 -29.78 1.97 -12.50
N PHE A 220 -29.49 2.57 -13.65
CA PHE A 220 -28.54 1.97 -14.59
C PHE A 220 -27.12 2.01 -14.04
N ILE A 221 -26.79 3.05 -13.26
CA ILE A 221 -25.49 3.11 -12.60
C ILE A 221 -25.37 1.97 -11.59
N THR A 222 -26.44 1.70 -10.84
CA THR A 222 -26.45 0.55 -9.95
C THR A 222 -26.25 -0.74 -10.72
N SER A 223 -26.91 -0.87 -11.88
CA SER A 223 -26.71 -2.05 -12.72
C SER A 223 -25.27 -2.12 -13.22
N LEU A 224 -24.69 -0.98 -13.58
CA LEU A 224 -23.30 -0.96 -14.04
C LEU A 224 -22.34 -1.25 -12.90
N ALA A 225 -22.58 -0.67 -11.72
CA ALA A 225 -21.71 -0.92 -10.58
C ALA A 225 -21.80 -2.37 -10.12
N CYS A 226 -22.96 -3.00 -10.26
CA CYS A 226 -23.07 -4.43 -9.94
C CYS A 226 -22.21 -5.25 -10.89
N ALA A 227 -22.17 -4.88 -12.17
CA ALA A 227 -21.34 -5.60 -13.12
C ALA A 227 -19.87 -5.49 -12.75
N ASP A 228 -19.42 -4.28 -12.36
CA ASP A 228 -18.04 -4.12 -11.93
C ASP A 228 -17.79 -4.76 -10.57
N LEU A 229 -18.83 -4.86 -9.73
CA LEU A 229 -18.67 -5.48 -8.43
C LEU A 229 -18.38 -6.97 -8.55
N VAL A 230 -19.10 -7.67 -9.44
CA VAL A 230 -18.83 -9.09 -9.66
C VAL A 230 -17.45 -9.30 -10.25
N MET A 231 -16.97 -8.36 -11.05
CA MET A 231 -15.62 -8.47 -11.61
C MET A 231 -14.58 -8.55 -10.50
N GLY A 232 -14.65 -7.66 -9.53
CA GLY A 232 -13.76 -7.66 -8.38
C GLY A 232 -14.08 -8.69 -7.33
N LEU A 233 -15.07 -9.56 -7.58
CA LEU A 233 -15.40 -10.63 -6.64
C LEU A 233 -15.38 -12.01 -7.27
N ALA A 234 -15.52 -12.16 -8.58
CA ALA A 234 -15.53 -13.46 -9.23
C ALA A 234 -14.57 -13.54 -10.41
N VAL A 235 -14.15 -12.42 -10.99
CA VAL A 235 -13.28 -12.43 -12.16
C VAL A 235 -11.84 -12.04 -11.78
N VAL A 236 -11.65 -10.83 -11.22
CA VAL A 236 -10.30 -10.35 -10.94
C VAL A 236 -9.58 -11.21 -9.90
N PRO A 237 -10.18 -11.59 -8.77
CA PRO A 237 -9.43 -12.42 -7.80
C PRO A 237 -8.99 -13.76 -8.35
N PHE A 238 -9.88 -14.46 -9.08
CA PHE A 238 -9.50 -15.73 -9.66
C PHE A 238 -8.59 -15.56 -10.87
N GLY A 239 -8.71 -14.44 -11.58
CA GLY A 239 -7.78 -14.16 -12.66
C GLY A 239 -6.41 -13.71 -12.19
N ALA A 240 -6.30 -13.29 -10.93
CA ALA A 240 -5.00 -12.88 -10.38
C ALA A 240 -4.21 -14.10 -9.93
N ALA A 241 -4.87 -15.09 -9.30
CA ALA A 241 -4.20 -16.31 -8.90
C ALA A 241 -3.73 -17.13 -10.10
N HIS A 242 -4.35 -16.92 -11.27
CA HIS A 242 -3.93 -17.64 -12.47
C HIS A 242 -2.57 -17.17 -12.96
N ILE A 243 -2.20 -15.93 -12.68
CA ILE A 243 -0.91 -15.39 -13.11
C ILE A 243 0.17 -15.64 -12.07
N LEU A 244 -0.15 -15.44 -10.79
CA LEU A 244 0.84 -15.61 -9.74
C LEU A 244 1.29 -17.07 -9.63
N THR A 245 0.35 -18.00 -9.70
CA THR A 245 0.66 -19.41 -9.66
C THR A 245 1.04 -19.98 -11.01
N LYS A 246 0.90 -19.21 -12.08
CA LYS A 246 1.26 -19.60 -13.45
C LYS A 246 0.41 -20.76 -13.97
N THR A 247 -0.54 -21.23 -13.16
CA THR A 247 -1.40 -22.35 -13.53
C THR A 247 -2.81 -22.07 -13.05
N TRP A 248 -3.70 -23.06 -13.25
CA TRP A 248 -5.10 -22.97 -12.85
C TRP A 248 -5.40 -24.08 -11.87
N THR A 249 -5.92 -23.73 -10.69
CA THR A 249 -6.18 -24.68 -9.62
C THR A 249 -7.63 -24.58 -9.15
N PHE A 250 -8.56 -24.61 -10.10
CA PHE A 250 -9.97 -24.55 -9.77
C PHE A 250 -10.82 -25.52 -10.59
N GLY A 251 -10.21 -26.39 -11.38
CA GLY A 251 -10.94 -27.34 -12.19
C GLY A 251 -11.43 -26.73 -13.50
N ASN A 252 -12.00 -27.59 -14.34
CA ASN A 252 -12.57 -27.16 -15.61
C ASN A 252 -13.99 -26.66 -15.48
N PHE A 253 -14.73 -27.10 -14.46
CA PHE A 253 -16.11 -26.63 -14.27
C PHE A 253 -16.15 -25.14 -14.00
N TRP A 254 -15.33 -24.68 -13.03
CA TRP A 254 -15.28 -23.26 -12.73
C TRP A 254 -14.52 -22.48 -13.80
N CYS A 255 -13.62 -23.13 -14.55
CA CYS A 255 -12.88 -22.45 -15.60
C CYS A 255 -13.83 -21.97 -16.71
N GLU A 256 -14.76 -22.82 -17.13
CA GLU A 256 -15.76 -22.40 -18.11
C GLU A 256 -16.78 -21.44 -17.50
N PHE A 257 -16.95 -21.46 -16.18
CA PHE A 257 -17.86 -20.55 -15.49
C PHE A 257 -17.20 -19.21 -15.20
N TRP A 258 -15.92 -19.22 -14.82
CA TRP A 258 -15.20 -17.96 -14.60
C TRP A 258 -15.08 -17.18 -15.89
N THR A 259 -14.90 -17.86 -17.02
CA THR A 259 -14.85 -17.18 -18.31
C THR A 259 -16.23 -16.66 -18.70
N SER A 260 -17.28 -17.42 -18.36
CA SER A 260 -18.64 -16.97 -18.69
C SER A 260 -19.00 -15.70 -17.93
N ILE A 261 -18.66 -15.64 -16.64
CA ILE A 261 -18.89 -14.42 -15.87
C ILE A 261 -18.07 -13.26 -16.44
N ASP A 262 -16.83 -13.56 -16.86
CA ASP A 262 -15.97 -12.52 -17.41
C ASP A 262 -16.60 -11.87 -18.63
N VAL A 263 -17.08 -12.68 -19.57
CA VAL A 263 -17.72 -12.14 -20.76
C VAL A 263 -19.03 -11.45 -20.40
N LEU A 264 -19.74 -11.97 -19.40
CA LEU A 264 -21.05 -11.43 -19.05
C LEU A 264 -20.95 -10.00 -18.52
N CYS A 265 -20.10 -9.79 -17.51
CA CYS A 265 -20.03 -8.47 -16.86
C CYS A 265 -19.54 -7.41 -17.83
N VAL A 266 -18.61 -7.75 -18.72
CA VAL A 266 -18.13 -6.79 -19.70
C VAL A 266 -19.23 -6.49 -20.71
N THR A 267 -19.95 -7.52 -21.17
CA THR A 267 -21.04 -7.31 -22.12
C THR A 267 -22.18 -6.53 -21.47
N ALA A 268 -22.54 -6.89 -20.24
CA ALA A 268 -23.61 -6.17 -19.54
C ALA A 268 -23.22 -4.72 -19.24
N SER A 269 -21.93 -4.43 -19.17
CA SER A 269 -21.48 -3.06 -18.89
C SER A 269 -21.66 -2.16 -20.10
N ILE A 270 -21.15 -2.60 -21.26
CA ILE A 270 -21.26 -1.79 -22.47
C ILE A 270 -22.71 -1.67 -22.92
N GLU A 271 -23.52 -2.69 -22.66
CA GLU A 271 -24.94 -2.61 -23.02
C GLU A 271 -25.69 -1.67 -22.08
N THR A 272 -25.32 -1.68 -20.78
CA THR A 272 -25.95 -0.76 -19.84
C THR A 272 -25.59 0.68 -20.17
N LEU A 273 -24.32 0.94 -20.50
CA LEU A 273 -23.93 2.28 -20.93
C LEU A 273 -24.64 2.68 -22.22
N CYS A 274 -24.93 1.70 -23.08
CA CYS A 274 -25.68 2.00 -24.31
C CYS A 274 -27.11 2.41 -23.98
N VAL A 275 -27.71 1.79 -22.97
CA VAL A 275 -29.06 2.17 -22.55
C VAL A 275 -29.06 3.59 -21.99
N ILE A 276 -28.03 3.93 -21.21
CA ILE A 276 -27.94 5.27 -20.63
C ILE A 276 -27.91 6.33 -21.72
N ALA A 277 -27.11 6.10 -22.77
CA ALA A 277 -27.00 7.09 -23.85
C ALA A 277 -28.34 7.32 -24.53
N VAL A 278 -29.07 6.24 -24.82
CA VAL A 278 -30.40 6.38 -25.40
C VAL A 278 -31.34 7.05 -24.41
N ASP A 279 -31.25 6.67 -23.14
CA ASP A 279 -32.12 7.27 -22.12
C ASP A 279 -31.88 8.76 -21.99
N ARG A 280 -30.61 9.18 -22.06
CA ARG A 280 -30.30 10.60 -21.98
C ARG A 280 -30.74 11.37 -23.23
N TYR A 281 -30.88 10.68 -24.37
CA TYR A 281 -31.39 11.35 -25.56
C TYR A 281 -32.87 11.63 -25.45
N PHE A 282 -33.65 10.65 -24.95
CA PHE A 282 -35.07 10.89 -24.70
C PHE A 282 -35.27 11.94 -23.62
N ALA A 283 -34.32 12.03 -22.68
CA ALA A 283 -34.43 13.03 -21.62
C ALA A 283 -34.13 14.43 -22.14
N ILE A 284 -33.16 14.54 -23.05
CA ILE A 284 -32.78 15.85 -23.56
C ILE A 284 -33.73 16.35 -24.63
N THR A 285 -34.56 15.46 -25.20
CA THR A 285 -35.63 15.87 -26.10
C THR A 285 -36.94 16.11 -25.37
N SER A 286 -36.88 16.37 -24.08
CA SER A 286 -38.04 16.57 -23.23
C SER A 286 -38.04 17.98 -22.67
N PRO A 287 -39.19 18.49 -22.21
CA PRO A 287 -39.24 19.85 -21.66
C PRO A 287 -38.26 20.09 -20.52
N PHE A 288 -38.00 19.08 -19.69
CA PHE A 288 -37.05 19.25 -18.60
C PHE A 288 -35.60 19.11 -19.07
N LYS A 289 -35.38 18.57 -20.28
CA LYS A 289 -34.06 18.46 -20.90
C LYS A 289 -33.14 17.52 -20.14
N TYR A 290 -33.56 17.05 -18.98
CA TYR A 290 -32.72 16.13 -18.21
C TYR A 290 -33.53 15.07 -17.47
N GLN A 291 -34.83 14.94 -17.74
CA GLN A 291 -35.68 14.00 -17.03
C GLN A 291 -35.90 12.75 -17.88
N SER A 292 -35.54 11.59 -17.33
CA SER A 292 -35.72 10.35 -18.06
C SER A 292 -37.21 10.03 -18.23
N LEU A 293 -37.58 9.58 -19.43
CA LEU A 293 -38.96 9.24 -19.72
C LEU A 293 -39.36 7.88 -19.16
N LEU A 294 -38.43 7.12 -18.60
CA LEU A 294 -38.74 5.81 -18.05
C LEU A 294 -39.28 5.94 -16.64
N THR A 295 -40.15 5.02 -16.27
CA THR A 295 -40.63 4.90 -14.91
C THR A 295 -39.67 4.05 -14.08
N LYS A 296 -39.88 4.06 -12.76
CA LYS A 296 -39.03 3.26 -11.88
C LYS A 296 -39.19 1.77 -12.17
N ASN A 297 -40.41 1.34 -12.49
CA ASN A 297 -40.63 -0.07 -12.81
C ASN A 297 -40.08 -0.42 -14.19
N LYS A 298 -40.28 0.46 -15.16
CA LYS A 298 -39.74 0.21 -16.50
C LYS A 298 -38.22 0.17 -16.49
N ALA A 299 -37.58 0.98 -15.65
CA ALA A 299 -36.13 0.98 -15.58
C ALA A 299 -35.60 -0.37 -15.13
N ARG A 300 -36.26 -1.00 -14.14
CA ARG A 300 -35.84 -2.32 -13.70
C ARG A 300 -36.08 -3.37 -14.77
N VAL A 301 -37.12 -3.18 -15.60
CA VAL A 301 -37.36 -4.10 -16.70
C VAL A 301 -36.24 -4.04 -17.72
N ILE A 302 -35.79 -2.83 -18.07
CA ILE A 302 -34.69 -2.68 -19.02
C ILE A 302 -33.44 -3.33 -18.48
N ILE A 303 -33.13 -3.08 -17.20
CA ILE A 303 -31.96 -3.69 -16.56
C ILE A 303 -32.05 -5.21 -16.62
N LEU A 304 -33.23 -5.75 -16.32
CA LEU A 304 -33.42 -7.20 -16.37
C LEU A 304 -33.22 -7.73 -17.78
N MET A 305 -33.74 -7.03 -18.78
CA MET A 305 -33.60 -7.48 -20.16
C MET A 305 -32.17 -7.32 -20.66
N VAL A 306 -31.41 -6.38 -20.10
CA VAL A 306 -30.02 -6.21 -20.50
C VAL A 306 -29.19 -7.41 -20.07
N TRP A 307 -29.36 -7.87 -18.83
CA TRP A 307 -28.62 -9.03 -18.36
C TRP A 307 -29.08 -10.31 -19.04
N ILE A 308 -30.35 -10.38 -19.44
CA ILE A 308 -30.85 -11.56 -20.15
C ILE A 308 -30.24 -11.62 -21.54
N VAL A 309 -30.24 -10.50 -22.26
CA VAL A 309 -29.66 -10.47 -23.61
C VAL A 309 -28.16 -10.70 -23.54
N SER A 310 -27.47 -9.99 -22.65
CA SER A 310 -26.03 -10.17 -22.53
C SER A 310 -25.67 -11.57 -22.05
N GLY A 311 -26.48 -12.12 -21.14
CA GLY A 311 -26.23 -13.47 -20.66
C GLY A 311 -26.42 -14.52 -21.74
N LEU A 312 -27.33 -14.29 -22.67
CA LEU A 312 -27.52 -15.22 -23.78
C LEU A 312 -26.38 -15.16 -24.77
N THR A 313 -25.80 -13.98 -24.98
CA THR A 313 -24.66 -13.81 -25.88
C THR A 313 -23.33 -14.01 -25.16
N SER A 314 -23.34 -14.63 -23.97
CA SER A 314 -22.11 -14.87 -23.22
C SER A 314 -22.04 -16.31 -22.75
N PHE A 315 -23.06 -16.75 -22.00
CA PHE A 315 -23.07 -18.11 -21.48
C PHE A 315 -23.33 -19.13 -22.59
N LEU A 316 -24.38 -18.92 -23.38
CA LEU A 316 -24.73 -19.87 -24.42
C LEU A 316 -23.60 -20.14 -25.41
N PRO A 317 -22.85 -19.15 -25.90
CA PRO A 317 -21.69 -19.46 -26.74
C PRO A 317 -20.58 -20.22 -26.00
N ILE A 318 -20.51 -20.09 -24.68
CA ILE A 318 -19.46 -20.77 -23.91
C ILE A 318 -19.95 -22.10 -23.36
N GLN A 319 -21.12 -22.11 -22.72
CA GLN A 319 -21.62 -23.34 -22.12
C GLN A 319 -21.91 -24.41 -23.16
N MET A 320 -22.35 -24.01 -24.34
CA MET A 320 -22.59 -24.93 -25.44
C MET A 320 -21.33 -25.24 -26.24
N HIS A 321 -20.17 -24.74 -25.79
CA HIS A 321 -18.88 -25.03 -26.40
C HIS A 321 -18.83 -24.59 -27.86
N TRP A 322 -19.28 -23.36 -28.10
CA TRP A 322 -19.15 -22.73 -29.42
C TRP A 322 -17.85 -21.95 -29.56
N TYR A 323 -17.14 -21.71 -28.47
CA TYR A 323 -15.86 -21.00 -28.49
C TYR A 323 -14.67 -21.92 -28.75
N ARG A 324 -14.85 -23.23 -28.59
CA ARG A 324 -13.73 -24.16 -28.64
C ARG A 324 -13.03 -24.10 -29.99
N ALA A 325 -11.71 -24.31 -29.96
CA ALA A 325 -10.90 -24.29 -31.17
C ALA A 325 -10.82 -25.72 -31.74
N THR A 326 -9.98 -25.91 -32.76
CA THR A 326 -9.82 -27.20 -33.40
C THR A 326 -8.42 -27.78 -33.30
N HIS A 327 -7.40 -26.95 -33.07
CA HIS A 327 -6.03 -27.44 -33.03
C HIS A 327 -5.80 -28.27 -31.78
N GLN A 328 -4.72 -29.08 -31.82
CA GLN A 328 -4.47 -30.03 -30.75
C GLN A 328 -4.10 -29.33 -29.44
N GLU A 329 -3.43 -28.18 -29.51
CA GLU A 329 -3.03 -27.47 -28.30
C GLU A 329 -4.25 -27.03 -27.49
N ALA A 330 -5.35 -26.70 -28.17
CA ALA A 330 -6.55 -26.27 -27.44
C ALA A 330 -7.26 -27.47 -26.81
N ILE A 331 -7.34 -28.59 -27.53
CA ILE A 331 -7.99 -29.78 -26.99
C ILE A 331 -7.25 -30.27 -25.74
N ASN A 332 -5.92 -30.21 -25.77
CA ASN A 332 -5.15 -30.64 -24.61
C ASN A 332 -5.30 -29.67 -23.44
N CYS A 333 -5.60 -28.40 -23.73
CA CYS A 333 -5.85 -27.45 -22.66
C CYS A 333 -7.27 -27.53 -22.14
N TYR A 334 -8.22 -27.93 -22.98
CA TYR A 334 -9.60 -28.09 -22.53
C TYR A 334 -9.74 -29.30 -21.62
N ALA A 335 -9.06 -30.41 -21.95
CA ALA A 335 -9.09 -31.60 -21.10
C ALA A 335 -8.25 -31.45 -19.84
N GLU A 336 -7.27 -30.54 -19.84
CA GLU A 336 -6.43 -30.34 -18.67
C GLU A 336 -7.14 -29.45 -17.66
N GLU A 337 -7.24 -29.92 -16.41
CA GLU A 337 -7.82 -29.12 -15.34
C GLU A 337 -6.92 -27.97 -14.92
N THR A 338 -5.61 -28.09 -15.12
CA THR A 338 -4.64 -27.08 -14.74
C THR A 338 -4.41 -26.05 -15.84
N CYS A 339 -5.05 -26.20 -17.00
CA CYS A 339 -4.94 -25.25 -18.11
C CYS A 339 -6.30 -24.59 -18.31
N CYS A 340 -6.33 -23.26 -18.23
CA CYS A 340 -7.55 -22.49 -18.44
C CYS A 340 -7.26 -21.32 -19.37
N ASP A 341 -6.63 -21.61 -20.51
CA ASP A 341 -6.39 -20.62 -21.56
C ASP A 341 -7.61 -20.54 -22.47
N PHE A 342 -7.98 -19.31 -22.83
CA PHE A 342 -9.20 -19.05 -23.58
C PHE A 342 -8.93 -19.11 -25.08
N PHE A 343 -8.67 -20.34 -25.54
CA PHE A 343 -8.47 -20.58 -26.96
C PHE A 343 -9.81 -20.50 -27.69
N THR A 344 -9.91 -19.57 -28.65
CA THR A 344 -11.13 -19.36 -29.40
C THR A 344 -10.87 -19.57 -30.89
N ASN A 345 -11.92 -19.99 -31.59
CA ASN A 345 -11.83 -20.19 -33.04
C ASN A 345 -11.93 -18.84 -33.76
N GLN A 346 -11.63 -18.86 -35.05
CA GLN A 346 -11.62 -17.63 -35.84
C GLN A 346 -13.02 -17.05 -35.99
N ALA A 347 -14.06 -17.89 -35.89
CA ALA A 347 -15.43 -17.40 -36.04
C ALA A 347 -15.94 -16.76 -34.76
N TYR A 348 -15.77 -17.44 -33.62
CA TYR A 348 -16.33 -16.94 -32.37
C TYR A 348 -15.62 -15.67 -31.91
N ALA A 349 -14.30 -15.60 -32.09
CA ALA A 349 -13.55 -14.46 -31.56
C ALA A 349 -13.99 -13.16 -32.21
N ILE A 350 -14.27 -13.18 -33.51
CA ILE A 350 -14.71 -11.97 -34.20
C ILE A 350 -16.19 -11.70 -33.91
N ALA A 351 -17.02 -12.74 -34.00
CA ALA A 351 -18.46 -12.57 -33.84
C ALA A 351 -18.81 -12.09 -32.44
N SER A 352 -18.21 -12.71 -31.42
CA SER A 352 -18.51 -12.33 -30.05
C SER A 352 -18.02 -10.92 -29.74
N SER A 353 -16.82 -10.57 -30.22
CA SER A 353 -16.30 -9.23 -29.99
C SER A 353 -17.18 -8.19 -30.68
N ILE A 354 -17.69 -8.51 -31.87
CA ILE A 354 -18.59 -7.60 -32.57
C ILE A 354 -19.91 -7.45 -31.82
N VAL A 355 -20.50 -8.58 -31.42
CA VAL A 355 -21.82 -8.54 -30.79
C VAL A 355 -21.71 -7.96 -29.38
N SER A 356 -20.80 -8.50 -28.57
CA SER A 356 -20.75 -8.15 -27.16
C SER A 356 -19.96 -6.87 -26.86
N PHE A 357 -19.33 -6.26 -27.85
CA PHE A 357 -18.55 -5.06 -27.58
C PHE A 357 -18.67 -4.03 -28.70
N TYR A 358 -18.31 -4.40 -29.92
CA TYR A 358 -18.20 -3.41 -31.00
C TYR A 358 -19.55 -2.82 -31.37
N VAL A 359 -20.57 -3.67 -31.53
CA VAL A 359 -21.89 -3.18 -31.93
C VAL A 359 -22.47 -2.22 -30.89
N PRO A 360 -22.54 -2.55 -29.59
CA PRO A 360 -23.03 -1.56 -28.63
C PRO A 360 -22.10 -0.38 -28.45
N LEU A 361 -20.82 -0.50 -28.81
CA LEU A 361 -19.90 0.62 -28.68
C LEU A 361 -20.18 1.71 -29.69
N VAL A 362 -20.43 1.32 -30.94
CA VAL A 362 -20.65 2.30 -32.01
C VAL A 362 -21.92 3.10 -31.75
N ILE A 363 -23.01 2.41 -31.41
CA ILE A 363 -24.27 3.10 -31.17
C ILE A 363 -24.20 3.93 -29.90
N MET A 364 -23.40 3.51 -28.92
CA MET A 364 -23.25 4.30 -27.70
C MET A 364 -22.55 5.62 -27.99
N VAL A 365 -21.48 5.58 -28.77
CA VAL A 365 -20.77 6.82 -29.13
C VAL A 365 -21.64 7.68 -30.03
N PHE A 366 -22.33 7.06 -30.99
CA PHE A 366 -23.15 7.81 -31.93
C PHE A 366 -24.29 8.52 -31.23
N VAL A 367 -25.05 7.79 -30.39
CA VAL A 367 -26.20 8.38 -29.71
C VAL A 367 -25.75 9.47 -28.75
N TYR A 368 -24.76 9.18 -27.91
CA TYR A 368 -24.35 10.14 -26.90
C TYR A 368 -23.63 11.35 -27.50
N SER A 369 -23.09 11.23 -28.71
CA SER A 369 -22.56 12.40 -29.39
C SER A 369 -23.68 13.35 -29.81
N ARG A 370 -24.84 12.80 -30.19
CA ARG A 370 -25.99 13.65 -30.48
C ARG A 370 -26.59 14.24 -29.21
N VAL A 371 -26.45 13.54 -28.09
CA VAL A 371 -26.87 14.11 -26.81
C VAL A 371 -26.03 15.34 -26.48
N PHE A 372 -24.71 15.23 -26.68
CA PHE A 372 -23.84 16.39 -26.50
C PHE A 372 -24.14 17.47 -27.53
N GLN A 373 -24.59 17.08 -28.72
CA GLN A 373 -24.94 18.06 -29.74
C GLN A 373 -26.21 18.81 -29.38
N GLU A 374 -27.19 18.11 -28.79
CA GLU A 374 -28.42 18.76 -28.34
C GLU A 374 -28.20 19.59 -27.08
N ALA A 375 -27.22 19.21 -26.25
CA ALA A 375 -26.94 19.98 -25.04
C ALA A 375 -26.33 21.32 -25.38
N LYS A 376 -25.46 21.37 -26.39
CA LYS A 376 -24.89 22.63 -26.83
C LYS A 376 -25.85 23.43 -27.71
N ARG A 377 -26.83 22.78 -28.32
CA ARG A 377 -27.78 23.48 -29.18
C ARG A 377 -28.87 24.18 -28.38
N GLN A 378 -29.29 23.59 -27.25
CA GLN A 378 -30.33 24.19 -26.42
C GLN A 378 -29.79 25.15 -25.38
N LEU A 379 -28.51 25.03 -25.01
CA LEU A 379 -27.92 25.93 -24.03
C LEU A 379 -27.47 27.23 -24.68
N ASP A 385 -27.83 29.51 -16.72
CA ASP A 385 -28.22 29.56 -15.32
C ASP A 385 -27.29 28.73 -14.44
N LYS A 386 -27.50 28.78 -13.13
CA LYS A 386 -26.66 28.03 -12.21
C LYS A 386 -27.04 26.55 -12.19
N PHE A 387 -28.33 26.25 -12.22
CA PHE A 387 -28.78 24.85 -12.21
C PHE A 387 -28.44 24.14 -13.50
N ALA A 388 -28.42 24.87 -14.63
CA ALA A 388 -28.15 24.23 -15.92
C ALA A 388 -26.73 23.67 -15.97
N LEU A 389 -25.77 24.39 -15.39
CA LEU A 389 -24.38 23.92 -15.43
C LEU A 389 -24.19 22.66 -14.59
N LYS A 390 -24.95 22.52 -13.50
CA LYS A 390 -24.82 21.33 -12.65
C LYS A 390 -25.29 20.08 -13.38
N GLU A 391 -26.42 20.15 -14.07
CA GLU A 391 -26.95 19.01 -14.78
C GLU A 391 -26.28 18.80 -16.13
N HIS A 392 -25.74 19.87 -16.73
CA HIS A 392 -24.93 19.71 -17.94
C HIS A 392 -23.62 19.01 -17.63
N LYS A 393 -23.05 19.25 -16.44
CA LYS A 393 -21.86 18.52 -16.03
C LYS A 393 -22.16 17.06 -15.72
N ALA A 394 -23.42 16.76 -15.35
CA ALA A 394 -23.82 15.38 -15.13
C ALA A 394 -23.80 14.59 -16.43
N LEU A 395 -24.17 15.24 -17.54
CA LEU A 395 -24.03 14.60 -18.84
C LEU A 395 -22.56 14.43 -19.21
N LYS A 396 -21.71 15.39 -18.84
CA LYS A 396 -20.28 15.23 -19.04
C LYS A 396 -19.72 14.13 -18.17
N THR A 397 -20.28 13.94 -16.97
CA THR A 397 -19.83 12.85 -16.10
C THR A 397 -20.11 11.50 -16.72
N LEU A 398 -21.33 11.32 -17.26
CA LEU A 398 -21.64 10.08 -17.96
C LEU A 398 -20.81 9.93 -19.23
N GLY A 399 -20.41 11.05 -19.85
CA GLY A 399 -19.55 10.97 -21.01
C GLY A 399 -18.15 10.48 -20.68
N ILE A 400 -17.69 10.73 -19.46
CA ILE A 400 -16.39 10.19 -19.03
C ILE A 400 -16.51 8.71 -18.74
N ILE A 401 -17.62 8.28 -18.14
CA ILE A 401 -17.84 6.86 -17.88
C ILE A 401 -17.79 6.07 -19.19
N MET A 402 -18.48 6.56 -20.22
CA MET A 402 -18.46 5.91 -21.52
C MET A 402 -17.09 6.04 -22.18
N GLY A 403 -16.40 7.16 -21.95
CA GLY A 403 -15.09 7.38 -22.52
C GLY A 403 -14.02 6.55 -21.84
N THR A 404 -14.08 6.45 -20.50
CA THR A 404 -13.13 5.62 -19.78
C THR A 404 -13.33 4.14 -20.10
N PHE A 405 -14.59 3.70 -20.15
CA PHE A 405 -14.87 2.31 -20.52
C PHE A 405 -14.42 2.01 -21.94
N THR A 406 -14.46 3.01 -22.82
CA THR A 406 -14.01 2.79 -24.19
C THR A 406 -12.49 2.72 -24.26
N LEU A 407 -11.79 3.68 -23.65
CA LEU A 407 -10.34 3.75 -23.73
C LEU A 407 -9.64 2.70 -22.88
N CYS A 408 -10.38 1.81 -22.22
CA CYS A 408 -9.78 0.74 -21.44
C CYS A 408 -10.05 -0.65 -21.99
N TRP A 409 -11.13 -0.82 -22.76
CA TRP A 409 -11.44 -2.11 -23.38
C TRP A 409 -11.19 -2.13 -24.89
N LEU A 410 -11.12 -0.97 -25.54
CA LEU A 410 -10.88 -0.95 -26.98
C LEU A 410 -9.54 -1.56 -27.37
N PRO A 411 -8.41 -1.25 -26.72
CA PRO A 411 -7.15 -1.90 -27.12
C PRO A 411 -7.17 -3.41 -26.96
N PHE A 412 -7.90 -3.92 -25.97
CA PHE A 412 -8.01 -5.37 -25.80
C PHE A 412 -8.78 -6.00 -26.96
N PHE A 413 -9.94 -5.44 -27.29
CA PHE A 413 -10.74 -6.00 -28.37
C PHE A 413 -10.14 -5.74 -29.75
N ILE A 414 -9.27 -4.73 -29.87
CA ILE A 414 -8.51 -4.57 -31.10
C ILE A 414 -7.52 -5.72 -31.27
N VAL A 415 -6.88 -6.13 -30.16
CA VAL A 415 -5.93 -7.25 -30.21
C VAL A 415 -6.64 -8.53 -30.62
N ASN A 416 -7.86 -8.75 -30.13
CA ASN A 416 -8.62 -9.94 -30.49
C ASN A 416 -8.77 -10.06 -32.00
N ILE A 417 -8.96 -8.93 -32.69
CA ILE A 417 -9.01 -8.94 -34.14
C ILE A 417 -7.61 -9.20 -34.71
N VAL A 418 -6.59 -8.63 -34.08
CA VAL A 418 -5.23 -8.79 -34.59
C VAL A 418 -4.71 -10.19 -34.32
N HIS A 419 -4.94 -10.70 -33.10
CA HIS A 419 -4.36 -11.98 -32.71
C HIS A 419 -4.94 -13.12 -33.55
N VAL A 420 -6.21 -13.03 -33.93
CA VAL A 420 -6.84 -14.10 -34.68
C VAL A 420 -6.44 -14.05 -36.15
N ILE A 421 -6.39 -12.86 -36.72
CA ILE A 421 -6.07 -12.73 -38.14
C ILE A 421 -4.63 -13.18 -38.41
N GLN A 422 -3.70 -12.76 -37.56
CA GLN A 422 -2.30 -13.13 -37.68
C GLN A 422 -1.86 -13.78 -36.38
N ASP A 423 -1.56 -15.08 -36.43
CA ASP A 423 -1.14 -15.79 -35.24
C ASP A 423 0.25 -15.33 -34.80
N ASN A 424 0.44 -15.25 -33.49
CA ASN A 424 1.74 -14.91 -32.89
C ASN A 424 2.23 -13.54 -33.37
N LEU A 425 1.31 -12.58 -33.47
CA LEU A 425 1.66 -11.19 -33.73
C LEU A 425 1.59 -10.33 -32.48
N ILE A 426 0.74 -10.69 -31.52
CA ILE A 426 0.66 -10.02 -30.23
C ILE A 426 1.16 -10.98 -29.16
N ARG A 427 2.04 -10.49 -28.29
CA ARG A 427 2.58 -11.33 -27.23
C ARG A 427 1.51 -11.66 -26.20
N LYS A 428 1.69 -12.80 -25.53
CA LYS A 428 0.74 -13.21 -24.49
C LYS A 428 0.80 -12.25 -23.31
N GLU A 429 1.99 -11.74 -22.97
CA GLU A 429 2.10 -10.79 -21.88
C GLU A 429 1.37 -9.49 -22.21
N VAL A 430 1.44 -9.07 -23.47
CA VAL A 430 0.71 -7.87 -23.90
C VAL A 430 -0.80 -8.13 -23.88
N TYR A 431 -1.21 -9.33 -24.30
CA TYR A 431 -2.63 -9.67 -24.29
C TYR A 431 -3.18 -9.68 -22.86
N ILE A 432 -2.42 -10.24 -21.91
CA ILE A 432 -2.86 -10.25 -20.52
C ILE A 432 -2.87 -8.83 -19.96
N LEU A 433 -1.88 -8.01 -20.34
CA LEU A 433 -1.78 -6.65 -19.82
C LEU A 433 -2.99 -5.82 -20.24
N LEU A 434 -3.33 -5.84 -21.53
CA LEU A 434 -4.48 -5.07 -22.00
C LEU A 434 -5.78 -5.61 -21.44
N ASN A 435 -5.84 -6.91 -21.14
CA ASN A 435 -7.02 -7.47 -20.49
C ASN A 435 -7.19 -6.91 -19.10
N TRP A 436 -6.09 -6.68 -18.38
CA TRP A 436 -6.17 -6.15 -17.03
C TRP A 436 -6.41 -4.65 -17.00
N ILE A 437 -6.08 -3.92 -18.08
CA ILE A 437 -6.46 -2.52 -18.15
C ILE A 437 -7.96 -2.38 -18.09
N GLY A 438 -8.69 -3.29 -18.72
CA GLY A 438 -10.14 -3.30 -18.60
C GLY A 438 -10.61 -3.73 -17.24
N TYR A 439 -9.81 -4.54 -16.54
CA TYR A 439 -10.15 -4.90 -15.16
C TYR A 439 -10.08 -3.68 -14.24
N VAL A 440 -9.04 -2.85 -14.39
CA VAL A 440 -8.93 -1.64 -13.59
C VAL A 440 -10.06 -0.68 -13.89
N ASN A 441 -10.61 -0.75 -15.11
CA ASN A 441 -11.74 0.11 -15.47
C ASN A 441 -12.96 -0.14 -14.60
N SER A 442 -13.06 -1.33 -14.01
CA SER A 442 -14.16 -1.66 -13.09
C SER A 442 -14.00 -0.99 -11.73
N GLY A 443 -13.00 -0.13 -11.56
CA GLY A 443 -12.81 0.58 -10.30
C GLY A 443 -12.66 2.08 -10.51
N PHE A 444 -12.77 2.52 -11.76
CA PHE A 444 -12.68 3.94 -12.08
C PHE A 444 -14.01 4.65 -11.94
N ASN A 445 -15.12 3.97 -12.27
CA ASN A 445 -16.44 4.60 -12.23
C ASN A 445 -16.78 5.24 -10.88
N PRO A 446 -16.52 4.61 -9.72
CA PRO A 446 -16.83 5.30 -8.45
C PRO A 446 -16.03 6.59 -8.26
N LEU A 447 -14.79 6.63 -8.73
CA LEU A 447 -14.00 7.85 -8.62
C LEU A 447 -14.52 8.94 -9.55
N ILE A 448 -15.07 8.55 -10.70
CA ILE A 448 -15.61 9.54 -11.63
C ILE A 448 -16.91 10.12 -11.09
N TYR A 449 -17.68 9.32 -10.34
CA TYR A 449 -18.94 9.82 -9.77
C TYR A 449 -18.70 10.92 -8.75
N CYS A 450 -17.48 11.04 -8.22
CA CYS A 450 -17.16 12.14 -7.31
C CYS A 450 -17.19 13.50 -8.01
N ARG A 451 -17.22 13.54 -9.35
CA ARG A 451 -17.40 14.80 -10.04
C ARG A 451 -18.77 15.41 -9.72
N SER A 452 -19.80 14.58 -9.63
CA SER A 452 -21.13 15.08 -9.31
C SER A 452 -21.23 15.35 -7.81
N PRO A 453 -21.53 16.58 -7.40
CA PRO A 453 -21.66 16.85 -5.95
C PRO A 453 -22.76 16.05 -5.28
N ASP A 454 -23.75 15.57 -6.05
CA ASP A 454 -24.80 14.74 -5.45
C ASP A 454 -24.25 13.41 -4.97
N PHE A 455 -23.42 12.76 -5.80
CA PHE A 455 -22.75 11.54 -5.37
C PHE A 455 -21.65 11.84 -4.36
N ARG A 456 -20.96 12.97 -4.51
CA ARG A 456 -19.84 13.28 -3.63
C ARG A 456 -20.29 13.48 -2.19
N ILE A 457 -21.41 14.18 -1.99
CA ILE A 457 -21.94 14.39 -0.65
C ILE A 457 -22.40 13.07 -0.05
N ALA A 458 -23.08 12.24 -0.85
CA ALA A 458 -23.58 10.96 -0.34
C ALA A 458 -22.43 10.07 0.14
N PHE A 459 -21.28 10.13 -0.55
CA PHE A 459 -20.12 9.40 -0.10
C PHE A 459 -19.60 9.97 1.22
N GLN A 460 -19.54 11.30 1.32
CA GLN A 460 -19.02 11.93 2.54
C GLN A 460 -19.91 11.64 3.74
N GLU A 461 -21.22 11.54 3.54
CA GLU A 461 -22.12 11.25 4.65
C GLU A 461 -21.97 9.81 5.12
N LEU A 462 -21.66 8.89 4.22
CA LEU A 462 -21.53 7.48 4.59
C LEU A 462 -20.17 7.19 5.23
N LEU A 463 -19.10 7.79 4.71
CA LEU A 463 -17.75 7.44 5.10
C LEU A 463 -17.15 8.46 6.08
N CYS A 464 -16.96 9.70 5.63
CA CYS A 464 -16.27 10.69 6.45
C CYS A 464 -17.10 11.11 7.65
N LEU A 465 -18.32 11.60 7.41
CA LEU A 465 -19.18 12.03 8.51
C LEU A 465 -19.63 10.84 9.34
N ARG A 466 -20.12 9.79 8.69
CA ARG A 466 -20.56 8.56 9.36
C ARG A 466 -21.61 8.84 10.45
N GLY B 15 -29.57 14.02 10.77
CA GLY B 15 -28.45 14.81 10.30
C GLY B 15 -27.76 15.59 11.40
N ASN B 16 -26.51 15.22 11.69
CA ASN B 16 -25.74 15.83 12.76
C ASN B 16 -24.39 16.30 12.22
N ILE B 17 -23.88 17.37 12.82
CA ILE B 17 -22.58 17.93 12.43
C ILE B 17 -21.61 17.80 13.60
N PHE B 18 -21.76 16.73 14.38
CA PHE B 18 -20.89 16.54 15.52
C PHE B 18 -19.47 16.18 15.10
N GLU B 19 -19.33 15.37 14.04
CA GLU B 19 -18.00 15.02 13.55
C GLU B 19 -17.30 16.23 12.94
N MET B 20 -18.07 17.22 12.46
CA MET B 20 -17.46 18.45 11.95
C MET B 20 -16.77 19.22 13.06
N LEU B 21 -17.44 19.37 14.20
CA LEU B 21 -16.82 20.03 15.34
C LEU B 21 -15.78 19.15 16.01
N ARG B 22 -15.95 17.82 15.93
CA ARG B 22 -14.95 16.91 16.47
C ARG B 22 -13.67 16.95 15.65
N ILE B 23 -13.78 17.22 14.35
CA ILE B 23 -12.59 17.39 13.51
C ILE B 23 -11.94 18.74 13.68
N ASP B 24 -12.58 19.65 14.42
CA ASP B 24 -12.02 20.97 14.67
C ASP B 24 -11.76 21.19 16.16
N VAL B 71 -12.63 15.28 35.55
CA VAL B 71 -12.45 14.31 34.48
C VAL B 71 -13.78 13.66 34.13
N ILE B 72 -14.21 13.79 32.89
CA ILE B 72 -15.47 13.22 32.42
C ILE B 72 -15.18 12.06 31.49
N THR B 73 -16.20 11.24 31.26
CA THR B 73 -16.08 10.09 30.39
C THR B 73 -16.28 10.50 28.93
N LYS B 74 -16.10 9.53 28.02
CA LYS B 74 -16.34 9.78 26.60
C LYS B 74 -17.82 9.93 26.27
N ASP B 75 -18.70 9.33 27.08
CA ASP B 75 -20.14 9.47 26.84
C ASP B 75 -20.66 10.81 27.35
N GLU B 76 -20.14 11.27 28.50
CA GLU B 76 -20.56 12.56 29.02
C GLU B 76 -20.00 13.72 28.21
N ALA B 77 -18.85 13.51 27.54
CA ALA B 77 -18.28 14.56 26.71
C ALA B 77 -19.13 14.82 25.47
N GLU B 78 -19.84 13.80 24.98
CA GLU B 78 -20.75 13.97 23.85
C GLU B 78 -22.15 14.35 24.30
N LYS B 79 -22.53 14.06 25.54
CA LYS B 79 -23.84 14.42 26.04
C LYS B 79 -23.92 15.92 26.35
N LEU B 80 -22.85 16.50 26.88
CA LEU B 80 -22.81 17.94 27.12
C LEU B 80 -22.51 18.73 25.85
N PHE B 81 -22.02 18.08 24.80
CA PHE B 81 -21.79 18.76 23.54
C PHE B 81 -23.09 19.12 22.85
N ASN B 82 -24.14 18.33 23.05
CA ASN B 82 -25.43 18.63 22.42
C ASN B 82 -26.08 19.87 23.02
N GLN B 83 -25.77 20.20 24.27
CA GLN B 83 -26.33 21.39 24.89
C GLN B 83 -25.79 22.66 24.24
N ASP B 84 -24.51 22.65 23.84
CA ASP B 84 -23.94 23.81 23.16
C ASP B 84 -24.47 23.93 21.73
N VAL B 85 -24.74 22.81 21.07
CA VAL B 85 -25.26 22.85 19.71
C VAL B 85 -26.70 23.37 19.71
N ASP B 86 -27.53 22.85 20.61
CA ASP B 86 -28.92 23.28 20.68
C ASP B 86 -29.02 24.75 21.09
N ALA B 87 -28.11 25.22 21.93
CA ALA B 87 -28.12 26.63 22.32
C ALA B 87 -27.70 27.52 21.16
N ALA B 88 -26.75 27.08 20.34
CA ALA B 88 -26.35 27.85 19.17
C ALA B 88 -27.44 27.88 18.13
N VAL B 89 -28.19 26.78 17.99
CA VAL B 89 -29.30 26.75 17.05
C VAL B 89 -30.42 27.68 17.51
N ARG B 90 -30.71 27.69 18.81
CA ARG B 90 -31.72 28.59 19.33
C ARG B 90 -31.28 30.04 19.28
N GLY B 91 -29.98 30.29 19.42
CA GLY B 91 -29.47 31.66 19.33
C GLY B 91 -29.53 32.21 17.92
N ILE B 92 -29.36 31.36 16.91
CA ILE B 92 -29.44 31.82 15.53
C ILE B 92 -30.88 32.15 15.16
N LEU B 93 -31.83 31.34 15.63
CA LEU B 93 -33.23 31.60 15.32
C LEU B 93 -33.77 32.82 16.07
N ARG B 94 -33.25 33.08 17.27
CA ARG B 94 -33.64 34.27 18.02
C ARG B 94 -33.02 35.54 17.45
N ASN B 95 -31.89 35.44 16.76
CA ASN B 95 -31.24 36.60 16.19
C ASN B 95 -32.02 37.10 14.97
N ALA B 96 -32.08 38.42 14.81
CA ALA B 96 -32.81 39.04 13.71
C ALA B 96 -31.94 39.31 12.48
N LYS B 97 -30.66 38.94 12.50
CA LYS B 97 -29.77 39.10 11.36
C LYS B 97 -29.22 37.77 10.89
N LEU B 98 -29.52 36.66 11.59
CA LEU B 98 -29.13 35.33 11.16
C LEU B 98 -30.30 34.47 10.70
N LYS B 99 -31.53 34.77 11.14
CA LYS B 99 -32.66 33.93 10.72
C LYS B 99 -32.95 34.05 9.23
N PRO B 100 -32.92 35.23 8.60
CA PRO B 100 -33.17 35.24 7.15
C PRO B 100 -32.10 34.53 6.34
N VAL B 101 -30.86 34.52 6.82
CA VAL B 101 -29.78 33.81 6.13
C VAL B 101 -29.85 32.31 6.40
N TYR B 102 -30.14 31.92 7.65
CA TYR B 102 -30.21 30.51 8.00
C TYR B 102 -31.33 29.80 7.27
N ASP B 103 -32.42 30.50 6.98
CA ASP B 103 -33.56 29.91 6.29
C ASP B 103 -33.41 29.91 4.78
N SER B 104 -32.23 30.24 4.27
CA SER B 104 -32.00 30.30 2.82
C SER B 104 -30.81 29.44 2.40
N LEU B 105 -30.23 28.68 3.31
CA LEU B 105 -29.06 27.86 3.01
C LEU B 105 -29.41 26.38 3.09
N ASP B 106 -28.74 25.58 2.27
CA ASP B 106 -28.96 24.14 2.25
C ASP B 106 -28.41 23.52 3.53
N ALA B 107 -28.81 22.26 3.76
CA ALA B 107 -28.47 21.58 5.00
C ALA B 107 -26.97 21.52 5.24
N VAL B 108 -26.17 21.48 4.17
CA VAL B 108 -24.72 21.47 4.32
C VAL B 108 -24.23 22.83 4.82
N ARG B 109 -24.70 23.91 4.19
CA ARG B 109 -24.29 25.25 4.62
C ARG B 109 -24.94 25.64 5.95
N ARG B 110 -25.96 24.91 6.39
CA ARG B 110 -26.51 25.14 7.73
C ARG B 110 -25.47 24.85 8.80
N ALA B 111 -24.73 23.75 8.65
CA ALA B 111 -23.74 23.39 9.66
C ALA B 111 -22.54 24.32 9.63
N ALA B 112 -22.21 24.89 8.47
CA ALA B 112 -21.09 25.82 8.39
C ALA B 112 -21.42 27.13 9.06
N LEU B 113 -22.70 27.51 9.10
CA LEU B 113 -23.09 28.73 9.80
C LEU B 113 -23.06 28.52 11.31
N ILE B 114 -23.46 27.34 11.77
CA ILE B 114 -23.40 27.05 13.20
C ILE B 114 -21.97 26.99 13.68
N ASN B 115 -21.04 26.57 12.82
CA ASN B 115 -19.65 26.44 13.22
C ASN B 115 -19.05 27.79 13.61
N MET B 116 -19.45 28.87 12.96
CA MET B 116 -18.95 30.19 13.32
C MET B 116 -19.59 30.69 14.61
N VAL B 117 -20.88 30.44 14.79
CA VAL B 117 -21.55 30.82 16.05
C VAL B 117 -20.96 30.00 17.21
N PHE B 118 -20.69 28.72 16.98
CA PHE B 118 -20.13 27.89 18.03
C PHE B 118 -18.70 28.29 18.36
N GLN B 119 -18.01 28.94 17.42
CA GLN B 119 -16.61 29.37 17.63
C GLN B 119 -16.58 30.75 18.28
N MET B 120 -17.04 31.76 17.54
CA MET B 120 -17.02 33.13 18.05
C MET B 120 -18.39 33.53 18.61
N GLU B 122 -22.06 34.55 18.35
CA GLU B 122 -23.36 34.93 17.80
C GLU B 122 -23.37 36.38 17.33
N THR B 123 -22.83 37.27 18.16
CA THR B 123 -22.73 38.68 17.80
C THR B 123 -21.59 38.92 16.81
N GLY B 124 -20.48 38.20 16.96
CA GLY B 124 -19.37 38.36 16.03
C GLY B 124 -19.72 37.89 14.63
N VAL B 125 -20.52 36.82 14.53
CA VAL B 125 -20.96 36.35 13.22
C VAL B 125 -21.85 37.38 12.55
N ALA B 126 -22.69 38.07 13.33
CA ALA B 126 -23.54 39.11 12.77
C ALA B 126 -22.75 40.32 12.31
N GLY B 127 -21.52 40.48 12.78
CA GLY B 127 -20.69 41.60 12.33
C GLY B 127 -20.35 41.54 10.85
N PHE B 128 -20.29 40.34 10.29
CA PHE B 128 -20.01 40.15 8.87
C PHE B 128 -21.30 40.43 8.09
N THR B 129 -21.61 41.72 7.97
CA THR B 129 -22.83 42.12 7.26
C THR B 129 -22.71 41.84 5.77
N ASN B 130 -21.56 42.15 5.18
CA ASN B 130 -21.38 41.92 3.74
C ASN B 130 -21.32 40.44 3.41
N SER B 131 -20.82 39.61 4.32
CA SER B 131 -20.71 38.18 4.06
C SER B 131 -22.08 37.51 4.10
N LEU B 132 -22.89 37.85 5.10
CA LEU B 132 -24.21 37.24 5.23
C LEU B 132 -25.14 37.66 4.09
N ARG B 133 -24.96 38.87 3.57
CA ARG B 133 -25.81 39.35 2.48
C ARG B 133 -25.55 38.56 1.19
N MET B 134 -24.30 38.18 0.95
CA MET B 134 -23.97 37.43 -0.26
C MET B 134 -24.44 35.98 -0.15
N LEU B 135 -24.40 35.41 1.05
CA LEU B 135 -24.92 34.05 1.23
C LEU B 135 -26.43 34.00 1.06
N GLN B 136 -27.13 35.06 1.46
CA GLN B 136 -28.58 35.10 1.28
C GLN B 136 -28.96 35.23 -0.18
N GLN B 137 -28.13 35.88 -0.98
CA GLN B 137 -28.34 35.97 -2.42
C GLN B 137 -27.71 34.82 -3.19
N LYS B 138 -27.20 33.81 -2.48
CA LYS B 138 -26.62 32.62 -3.08
C LYS B 138 -25.43 32.96 -3.99
N ARG B 139 -24.64 33.94 -3.56
CA ARG B 139 -23.43 34.34 -4.29
C ARG B 139 -22.23 33.71 -3.56
N TRP B 140 -22.01 32.43 -3.84
CA TRP B 140 -20.95 31.70 -3.12
C TRP B 140 -19.57 32.19 -3.52
N ASP B 141 -19.37 32.51 -4.80
CA ASP B 141 -18.07 32.98 -5.25
C ASP B 141 -17.73 34.35 -4.65
N GLU B 142 -18.74 35.21 -4.46
CA GLU B 142 -18.48 36.52 -3.88
C GLU B 142 -18.37 36.46 -2.36
N ALA B 143 -19.08 35.53 -1.72
CA ALA B 143 -18.98 35.38 -0.27
C ALA B 143 -17.72 34.65 0.17
N ALA B 144 -17.05 33.96 -0.75
CA ALA B 144 -15.82 33.26 -0.39
C ALA B 144 -14.65 34.23 -0.21
N VAL B 145 -14.56 35.25 -1.07
CA VAL B 145 -13.51 36.25 -0.94
C VAL B 145 -13.80 37.26 0.15
N ASN B 146 -15.09 37.43 0.52
CA ASN B 146 -15.43 38.38 1.57
C ASN B 146 -15.18 37.80 2.95
N LEU B 147 -15.32 36.49 3.11
CA LEU B 147 -15.03 35.84 4.39
C LEU B 147 -13.54 35.63 4.62
N ALA B 148 -12.71 35.82 3.60
CA ALA B 148 -11.27 35.71 3.74
C ALA B 148 -10.60 37.01 4.16
N LYS B 149 -11.37 38.09 4.28
CA LYS B 149 -10.84 39.40 4.67
C LYS B 149 -11.41 39.78 6.03
N SER B 150 -10.95 39.08 7.06
CA SER B 150 -11.41 39.31 8.42
C SER B 150 -10.34 38.82 9.39
N ARG B 151 -10.48 39.24 10.64
CA ARG B 151 -9.57 38.78 11.68
C ARG B 151 -9.78 37.31 12.03
N TRP B 152 -10.97 36.76 11.72
CA TRP B 152 -11.22 35.35 11.99
C TRP B 152 -10.50 34.45 10.99
N TYR B 153 -10.32 34.92 9.75
CA TYR B 153 -9.62 34.13 8.74
C TYR B 153 -8.11 34.12 8.96
N ASN B 154 -7.57 35.19 9.56
CA ASN B 154 -6.14 35.27 9.84
C ASN B 154 -5.77 34.76 11.23
N GLN B 155 -6.76 34.58 12.12
CA GLN B 155 -6.48 33.98 13.41
C GLN B 155 -6.19 32.49 13.27
N THR B 156 -7.06 31.78 12.58
CA THR B 156 -6.88 30.35 12.30
C THR B 156 -7.09 30.13 10.80
N PRO B 157 -6.02 30.07 10.00
CA PRO B 157 -6.21 29.86 8.56
C PRO B 157 -6.67 28.46 8.22
N ASN B 158 -6.32 27.46 9.03
CA ASN B 158 -6.74 26.09 8.75
C ASN B 158 -8.20 25.85 9.10
N ARG B 159 -8.71 26.52 10.13
CA ARG B 159 -10.11 26.35 10.52
C ARG B 159 -11.03 27.17 9.63
N ALA B 160 -10.59 28.35 9.20
CA ALA B 160 -11.44 29.22 8.39
C ALA B 160 -11.56 28.70 6.97
N LYS B 161 -10.48 28.14 6.43
CA LYS B 161 -10.50 27.66 5.05
C LYS B 161 -11.49 26.52 4.86
N ARG B 162 -11.70 25.70 5.90
CA ARG B 162 -12.66 24.61 5.80
C ARG B 162 -14.10 25.09 5.88
N VAL B 163 -14.34 26.20 6.58
CA VAL B 163 -15.69 26.75 6.66
C VAL B 163 -16.07 27.47 5.38
N ILE B 164 -15.15 28.29 4.85
CA ILE B 164 -15.43 29.02 3.61
C ILE B 164 -15.71 28.05 2.47
N THR B 165 -14.93 26.98 2.38
CA THR B 165 -15.14 26.00 1.32
C THR B 165 -16.50 25.33 1.43
N THR B 166 -16.97 25.12 2.67
CA THR B 166 -18.29 24.53 2.85
C THR B 166 -19.39 25.47 2.36
N PHE B 167 -19.19 26.78 2.54
CA PHE B 167 -20.17 27.75 2.06
C PHE B 167 -20.15 27.84 0.53
N ARG B 168 -18.96 27.80 -0.07
CA ARG B 168 -18.85 28.01 -1.51
C ARG B 168 -19.33 26.79 -2.29
N THR B 169 -18.81 25.61 -1.97
CA THR B 169 -19.17 24.41 -2.70
C THR B 169 -20.46 23.76 -2.22
N GLY B 170 -20.88 24.05 -0.98
CA GLY B 170 -22.03 23.36 -0.43
C GLY B 170 -21.79 21.89 -0.16
N THR B 171 -20.52 21.48 -0.03
CA THR B 171 -20.14 20.10 0.18
C THR B 171 -19.19 20.02 1.37
N TRP B 172 -18.87 18.79 1.75
CA TRP B 172 -17.90 18.53 2.83
C TRP B 172 -16.50 18.23 2.29
N ASP B 173 -16.17 18.78 1.12
CA ASP B 173 -14.87 18.49 0.51
C ASP B 173 -13.71 18.97 1.36
N ALA B 174 -13.91 20.05 2.12
CA ALA B 174 -12.83 20.55 2.97
C ALA B 174 -12.57 19.63 4.15
N TYR B 175 -13.60 18.95 4.66
CA TYR B 175 -13.45 18.03 5.76
C TYR B 175 -13.22 16.59 5.30
N ALA B 176 -13.71 16.23 4.12
CA ALA B 176 -13.44 14.90 3.59
C ALA B 176 -11.99 14.74 3.18
N ALA B 177 -11.43 15.75 2.50
CA ALA B 177 -10.03 15.68 2.09
C ALA B 177 -9.10 15.71 3.29
N ASP B 178 -9.46 16.45 4.34
CA ASP B 178 -8.65 16.50 5.54
C ASP B 178 -8.78 15.23 6.38
N GLU B 179 -9.80 14.41 6.13
CA GLU B 179 -9.98 13.15 6.84
C GLU B 179 -9.37 11.98 6.08
N VAL B 180 -9.44 11.99 4.75
CA VAL B 180 -8.82 10.93 3.97
C VAL B 180 -7.31 11.10 3.92
N TRP B 181 -6.82 12.35 4.03
CA TRP B 181 -5.38 12.58 4.02
C TRP B 181 -4.72 11.98 5.25
N VAL B 182 -5.36 12.11 6.42
CA VAL B 182 -4.81 11.52 7.64
C VAL B 182 -4.76 10.00 7.52
N VAL B 183 -5.82 9.39 6.97
CA VAL B 183 -5.83 7.96 6.76
C VAL B 183 -4.78 7.56 5.73
N GLY B 184 -4.71 8.30 4.61
CA GLY B 184 -3.73 7.99 3.59
C GLY B 184 -2.30 8.17 4.07
N MET B 185 -2.04 9.27 4.79
CA MET B 185 -0.72 9.46 5.38
C MET B 185 -0.47 8.49 6.52
N GLY B 186 -1.53 8.02 7.18
CA GLY B 186 -1.36 7.06 8.25
C GLY B 186 -0.90 5.70 7.74
N ILE B 187 -1.34 5.33 6.53
CA ILE B 187 -0.87 4.10 5.93
C ILE B 187 0.59 4.24 5.52
N VAL B 188 0.97 5.41 4.98
CA VAL B 188 2.34 5.62 4.52
C VAL B 188 3.32 5.52 5.69
N MET B 189 3.01 6.22 6.78
CA MET B 189 3.87 6.16 7.96
C MET B 189 3.85 4.77 8.58
N SER B 190 2.74 4.04 8.46
CA SER B 190 2.70 2.67 8.93
C SER B 190 3.61 1.77 8.10
N LEU B 191 3.66 2.01 6.78
CA LEU B 191 4.58 1.26 5.93
C LEU B 191 6.03 1.58 6.27
N ILE B 192 6.31 2.81 6.69
CA ILE B 192 7.67 3.16 7.12
C ILE B 192 8.04 2.36 8.36
N VAL B 193 7.12 2.27 9.33
CA VAL B 193 7.38 1.51 10.55
C VAL B 193 7.60 0.05 10.21
N LEU B 194 6.75 -0.52 9.36
CA LEU B 194 6.89 -1.93 8.98
C LEU B 194 8.19 -2.17 8.23
N ALA B 195 8.59 -1.23 7.38
CA ALA B 195 9.85 -1.38 6.66
C ALA B 195 11.05 -1.29 7.61
N ILE B 196 10.95 -0.45 8.64
CA ILE B 196 12.05 -0.32 9.59
C ILE B 196 12.14 -1.56 10.47
N VAL B 197 11.00 -1.99 11.03
CA VAL B 197 10.99 -3.12 11.94
C VAL B 197 11.39 -4.41 11.21
N PHE B 198 10.67 -4.74 10.14
CA PHE B 198 10.97 -5.96 9.40
C PHE B 198 12.38 -5.93 8.80
N GLY B 199 12.87 -4.75 8.44
CA GLY B 199 14.20 -4.67 7.85
C GLY B 199 15.31 -4.93 8.85
N ASN B 200 15.23 -4.28 10.01
CA ASN B 200 16.30 -4.40 11.00
C ASN B 200 16.23 -5.73 11.75
N VAL B 201 15.03 -6.24 12.00
CA VAL B 201 14.90 -7.58 12.58
C VAL B 201 15.53 -8.61 11.65
N LEU B 202 15.42 -8.40 10.34
CA LEU B 202 16.04 -9.31 9.38
C LEU B 202 17.57 -9.25 9.46
N VAL B 203 18.13 -8.04 9.64
CA VAL B 203 19.58 -7.90 9.73
C VAL B 203 20.10 -8.56 11.01
N ILE B 204 19.41 -8.33 12.13
CA ILE B 204 19.84 -8.92 13.39
C ILE B 204 19.75 -10.44 13.34
N THR B 205 18.65 -10.96 12.78
CA THR B 205 18.46 -12.40 12.71
C THR B 205 19.51 -13.06 11.83
N ALA B 206 19.85 -12.42 10.70
CA ALA B 206 20.82 -13.02 9.78
C ALA B 206 22.18 -13.17 10.43
N ILE B 207 22.55 -12.22 11.30
CA ILE B 207 23.85 -12.31 11.96
C ILE B 207 23.78 -13.26 13.15
N ALA B 208 22.68 -13.23 13.90
CA ALA B 208 22.58 -14.05 15.11
C ALA B 208 22.41 -15.53 14.79
N LYS B 209 21.93 -15.86 13.60
CA LYS B 209 21.67 -17.26 13.23
C LYS B 209 22.86 -17.88 12.48
N PHE B 210 23.22 -17.29 11.34
CA PHE B 210 24.28 -17.85 10.51
C PHE B 210 25.64 -17.63 11.16
N GLU B 211 26.38 -18.73 11.36
CA GLU B 211 27.73 -18.68 11.92
C GLU B 211 28.75 -18.09 10.94
N ARG B 212 28.42 -18.03 9.65
CA ARG B 212 29.31 -17.44 8.66
C ARG B 212 29.38 -15.92 8.75
N LEU B 213 28.39 -15.28 9.38
CA LEU B 213 28.32 -13.83 9.47
C LEU B 213 28.76 -13.31 10.84
N GLN B 214 29.58 -14.07 11.56
CA GLN B 214 30.02 -13.69 12.90
C GLN B 214 31.35 -12.93 12.80
N THR B 215 31.27 -11.71 12.27
CA THR B 215 32.42 -10.84 12.16
C THR B 215 32.27 -9.65 13.10
N VAL B 216 33.42 -9.05 13.45
CA VAL B 216 33.42 -7.91 14.36
C VAL B 216 32.58 -6.78 13.80
N THR B 217 32.66 -6.54 12.50
CA THR B 217 31.86 -5.49 11.88
C THR B 217 30.37 -5.79 12.02
N ASN B 218 29.98 -7.05 11.84
CA ASN B 218 28.58 -7.41 11.97
C ASN B 218 28.06 -7.20 13.39
N TYR B 219 28.94 -7.30 14.39
CA TYR B 219 28.54 -6.94 15.74
C TYR B 219 28.16 -5.47 15.82
N PHE B 220 28.95 -4.60 15.19
CA PHE B 220 28.59 -3.19 15.11
C PHE B 220 27.38 -2.97 14.21
N ILE B 221 27.22 -3.81 13.18
CA ILE B 221 26.03 -3.73 12.33
C ILE B 221 24.79 -4.06 13.14
N THR B 222 24.87 -5.09 14.00
CA THR B 222 23.76 -5.42 14.87
C THR B 222 23.45 -4.28 15.83
N SER B 223 24.49 -3.64 16.38
CA SER B 223 24.29 -2.49 17.24
C SER B 223 23.60 -1.35 16.50
N LEU B 224 23.98 -1.13 15.25
CA LEU B 224 23.33 -0.10 14.44
C LEU B 224 21.90 -0.49 14.11
N ALA B 225 21.67 -1.76 13.77
CA ALA B 225 20.31 -2.22 13.48
C ALA B 225 19.43 -2.19 14.71
N CYS B 226 19.99 -2.46 15.90
CA CYS B 226 19.21 -2.35 17.12
C CYS B 226 18.79 -0.91 17.38
N ALA B 227 19.68 0.05 17.10
CA ALA B 227 19.32 1.46 17.26
C ALA B 227 18.20 1.85 16.31
N ASP B 228 18.28 1.40 15.06
CA ASP B 228 17.21 1.70 14.10
C ASP B 228 15.94 0.92 14.42
N LEU B 229 16.08 -0.25 15.06
CA LEU B 229 14.89 -1.03 15.42
C LEU B 229 14.06 -0.34 16.48
N VAL B 230 14.72 0.23 17.51
CA VAL B 230 13.99 0.95 18.55
C VAL B 230 13.32 2.19 17.96
N MET B 231 13.92 2.78 16.92
CA MET B 231 13.31 3.94 16.27
C MET B 231 11.93 3.60 15.73
N GLY B 232 11.82 2.50 14.98
CA GLY B 232 10.56 2.04 14.45
C GLY B 232 9.64 1.35 15.43
N LEU B 233 10.02 1.31 16.70
CA LEU B 233 9.20 0.71 17.75
C LEU B 233 8.86 1.65 18.90
N ALA B 234 9.66 2.69 19.15
CA ALA B 234 9.40 3.66 20.21
C ALA B 234 9.37 5.11 19.75
N VAL B 235 9.99 5.44 18.61
CA VAL B 235 10.10 6.83 18.19
C VAL B 235 9.15 7.09 17.02
N VAL B 236 9.37 6.37 15.92
CA VAL B 236 8.59 6.62 14.70
C VAL B 236 7.09 6.36 14.90
N PRO B 237 6.65 5.25 15.50
CA PRO B 237 5.20 5.06 15.66
C PRO B 237 4.55 6.12 16.53
N PHE B 238 5.16 6.47 17.66
CA PHE B 238 4.60 7.51 18.51
C PHE B 238 4.80 8.89 17.91
N GLY B 239 5.85 9.09 17.13
CA GLY B 239 6.03 10.35 16.42
C GLY B 239 5.13 10.50 15.22
N ALA B 240 4.54 9.40 14.74
CA ALA B 240 3.58 9.48 13.64
C ALA B 240 2.20 9.88 14.15
N ALA B 241 1.78 9.32 15.29
CA ALA B 241 0.49 9.68 15.87
C ALA B 241 0.47 11.12 16.36
N HIS B 242 1.64 11.72 16.62
CA HIS B 242 1.68 13.11 17.04
C HIS B 242 1.28 14.06 15.92
N ILE B 243 1.52 13.66 14.67
CA ILE B 243 1.16 14.50 13.53
C ILE B 243 -0.26 14.25 13.07
N LEU B 244 -0.66 12.97 13.01
CA LEU B 244 -1.99 12.63 12.51
C LEU B 244 -3.09 13.18 13.43
N THR B 245 -2.89 13.06 14.74
CA THR B 245 -3.85 13.59 15.71
C THR B 245 -3.61 15.06 16.03
N LYS B 246 -2.50 15.63 15.56
CA LYS B 246 -2.17 17.04 15.75
C LYS B 246 -1.95 17.41 17.21
N THR B 247 -2.02 16.42 18.11
CA THR B 247 -1.81 16.63 19.53
C THR B 247 -1.02 15.44 20.09
N TRP B 248 -0.82 15.46 21.41
CA TRP B 248 -0.11 14.41 22.12
C TRP B 248 -1.03 13.81 23.17
N THR B 249 -1.22 12.49 23.12
CA THR B 249 -2.12 11.78 24.02
C THR B 249 -1.39 10.64 24.73
N PHE B 250 -0.25 10.97 25.34
CA PHE B 250 0.52 9.95 26.05
C PHE B 250 1.11 10.48 27.35
N GLY B 251 0.78 11.70 27.76
CA GLY B 251 1.26 12.26 29.00
C GLY B 251 2.63 12.91 28.85
N ASN B 252 3.06 13.56 29.94
CA ASN B 252 4.38 14.19 30.00
C ASN B 252 5.49 13.22 30.36
N PHE B 253 5.16 12.14 31.09
CA PHE B 253 6.17 11.17 31.47
C PHE B 253 6.78 10.50 30.25
N TRP B 254 5.93 10.00 29.34
CA TRP B 254 6.43 9.38 28.12
C TRP B 254 6.98 10.40 27.14
N CYS B 255 6.54 11.66 27.23
CA CYS B 255 7.04 12.68 26.32
C CYS B 255 8.53 12.93 26.53
N GLU B 256 8.95 13.04 27.80
CA GLU B 256 10.37 13.19 28.10
C GLU B 256 11.14 11.89 27.85
N PHE B 257 10.46 10.75 27.86
CA PHE B 257 11.08 9.46 27.58
C PHE B 257 11.14 9.18 26.08
N TRP B 258 10.09 9.54 25.34
CA TRP B 258 10.09 9.37 23.90
C TRP B 258 11.15 10.24 23.24
N THR B 259 11.39 11.44 23.79
CA THR B 259 12.46 12.28 23.27
C THR B 259 13.83 11.73 23.66
N SER B 260 13.94 11.16 24.85
CA SER B 260 15.21 10.57 25.28
C SER B 260 15.60 9.41 24.38
N ILE B 261 14.65 8.54 24.06
CA ILE B 261 14.93 7.43 23.15
C ILE B 261 15.31 7.95 21.77
N ASP B 262 14.63 9.01 21.31
CA ASP B 262 14.92 9.59 20.01
C ASP B 262 16.37 10.07 19.94
N VAL B 263 16.80 10.83 20.95
CA VAL B 263 18.18 11.30 20.96
C VAL B 263 19.15 10.15 21.13
N LEU B 264 18.76 9.13 21.90
CA LEU B 264 19.66 8.02 22.19
C LEU B 264 19.99 7.23 20.93
N CYS B 265 18.97 6.83 20.17
CA CYS B 265 19.18 5.96 19.02
C CYS B 265 19.95 6.68 17.91
N VAL B 266 19.70 7.98 17.74
CA VAL B 266 20.44 8.74 16.73
C VAL B 266 21.90 8.90 17.16
N THR B 267 22.13 9.18 18.44
CA THR B 267 23.51 9.31 18.92
C THR B 267 24.24 7.98 18.86
N ALA B 268 23.59 6.90 19.27
CA ALA B 268 24.22 5.58 19.23
C ALA B 268 24.48 5.12 17.81
N SER B 269 23.74 5.63 16.83
CA SER B 269 23.95 5.22 15.44
C SER B 269 25.22 5.85 14.87
N ILE B 270 25.33 7.17 14.95
CA ILE B 270 26.50 7.86 14.41
C ILE B 270 27.75 7.50 15.20
N GLU B 271 27.61 7.22 16.49
CA GLU B 271 28.77 6.82 17.29
C GLU B 271 29.23 5.41 16.93
N THR B 272 28.28 4.52 16.65
CA THR B 272 28.65 3.18 16.18
C THR B 272 29.31 3.24 14.82
N LEU B 273 28.75 4.03 13.89
CA LEU B 273 29.37 4.18 12.58
C LEU B 273 30.78 4.77 12.69
N CYS B 274 31.01 5.62 13.69
CA CYS B 274 32.36 6.15 13.90
C CYS B 274 33.31 5.05 14.35
N VAL B 275 32.81 4.09 15.13
CA VAL B 275 33.65 2.96 15.56
C VAL B 275 33.97 2.07 14.37
N ILE B 276 33.00 1.85 13.48
CA ILE B 276 33.23 1.00 12.31
C ILE B 276 34.36 1.57 11.45
N ALA B 277 34.36 2.88 11.24
CA ALA B 277 35.41 3.49 10.43
C ALA B 277 36.78 3.29 11.05
N VAL B 278 36.88 3.48 12.38
CA VAL B 278 38.15 3.25 13.05
C VAL B 278 38.53 1.78 13.02
N ASP B 279 37.54 0.90 13.21
CA ASP B 279 37.81 -0.53 13.18
C ASP B 279 38.33 -0.98 11.81
N ARG B 280 37.75 -0.44 10.74
CA ARG B 280 38.21 -0.77 9.40
C ARG B 280 39.58 -0.19 9.11
N TYR B 281 39.98 0.88 9.80
CA TYR B 281 41.33 1.41 9.61
C TYR B 281 42.38 0.48 10.19
N PHE B 282 42.14 -0.07 11.38
CA PHE B 282 43.05 -1.05 11.95
C PHE B 282 43.07 -2.33 11.13
N ALA B 283 41.95 -2.67 10.51
CA ALA B 283 41.90 -3.89 9.69
C ALA B 283 42.65 -3.68 8.38
N ILE B 284 42.53 -2.51 7.77
CA ILE B 284 43.17 -2.28 6.48
C ILE B 284 44.67 -2.02 6.63
N THR B 285 45.15 -1.74 7.84
CA THR B 285 46.57 -1.65 8.13
C THR B 285 47.16 -2.96 8.63
N SER B 286 46.50 -4.07 8.32
CA SER B 286 46.89 -5.40 8.78
C SER B 286 47.28 -6.27 7.59
N PRO B 287 48.02 -7.35 7.82
CA PRO B 287 48.41 -8.23 6.71
C PRO B 287 47.23 -8.79 5.92
N PHE B 288 46.10 -9.06 6.59
CA PHE B 288 44.91 -9.53 5.88
C PHE B 288 44.16 -8.39 5.20
N LYS B 289 44.44 -7.15 5.58
CA LYS B 289 43.87 -5.96 4.94
C LYS B 289 42.37 -5.83 5.15
N TYR B 290 41.74 -6.86 5.72
CA TYR B 290 40.31 -6.79 5.97
C TYR B 290 39.89 -7.47 7.26
N GLN B 291 40.82 -7.86 8.12
CA GLN B 291 40.50 -8.57 9.36
C GLN B 291 40.55 -7.60 10.53
N SER B 292 39.45 -7.51 11.26
CA SER B 292 39.40 -6.61 12.42
C SER B 292 40.29 -7.15 13.53
N LEU B 293 41.05 -6.23 14.16
CA LEU B 293 41.97 -6.60 15.21
C LEU B 293 41.28 -6.82 16.56
N LEU B 294 39.99 -6.53 16.67
CA LEU B 294 39.27 -6.73 17.91
C LEU B 294 38.81 -8.18 18.03
N THR B 295 38.69 -8.64 19.27
CA THR B 295 38.12 -9.95 19.53
C THR B 295 36.59 -9.83 19.64
N LYS B 296 35.93 -10.98 19.65
CA LYS B 296 34.47 -10.99 19.73
C LYS B 296 34.00 -10.42 21.06
N ASN B 297 34.68 -10.74 22.15
CA ASN B 297 34.29 -10.23 23.45
C ASN B 297 34.59 -8.74 23.58
N LYS B 298 35.77 -8.31 23.14
CA LYS B 298 36.12 -6.89 23.21
C LYS B 298 35.21 -6.05 22.33
N ALA B 299 34.76 -6.59 21.20
CA ALA B 299 33.86 -5.85 20.32
C ALA B 299 32.53 -5.57 21.01
N ARG B 300 32.01 -6.57 21.74
CA ARG B 300 30.75 -6.36 22.46
C ARG B 300 30.92 -5.38 23.62
N VAL B 301 32.11 -5.32 24.20
CA VAL B 301 32.37 -4.33 25.25
C VAL B 301 32.34 -2.92 24.65
N ILE B 302 32.92 -2.75 23.47
CA ILE B 302 32.88 -1.44 22.80
C ILE B 302 31.43 -1.04 22.53
N ILE B 303 30.62 -1.99 22.06
CA ILE B 303 29.21 -1.72 21.79
C ILE B 303 28.51 -1.26 23.06
N LEU B 304 28.76 -1.96 24.18
CA LEU B 304 28.14 -1.59 25.44
C LEU B 304 28.57 -0.19 25.87
N MET B 305 29.86 0.13 25.72
CA MET B 305 30.34 1.45 26.13
C MET B 305 29.83 2.54 25.18
N VAL B 306 29.49 2.19 23.94
CA VAL B 306 28.92 3.18 23.03
C VAL B 306 27.55 3.62 23.51
N TRP B 307 26.70 2.65 23.89
CA TRP B 307 25.38 2.99 24.40
C TRP B 307 25.46 3.72 25.74
N ILE B 308 26.47 3.41 26.55
CA ILE B 308 26.66 4.10 27.81
C ILE B 308 27.03 5.56 27.56
N VAL B 309 28.00 5.80 26.67
CA VAL B 309 28.40 7.16 26.34
C VAL B 309 27.24 7.91 25.68
N SER B 310 26.58 7.26 24.73
CA SER B 310 25.44 7.89 24.07
C SER B 310 24.30 8.14 25.05
N GLY B 311 24.08 7.21 25.99
CA GLY B 311 23.04 7.40 26.99
C GLY B 311 23.34 8.53 27.95
N LEU B 312 24.63 8.81 28.19
CA LEU B 312 24.98 9.93 29.06
C LEU B 312 24.77 11.26 28.36
N THR B 313 24.99 11.33 27.04
CA THR B 313 24.78 12.55 26.28
C THR B 313 23.37 12.64 25.71
N SER B 314 22.43 11.84 26.22
CA SER B 314 21.06 11.87 25.73
C SER B 314 20.07 11.96 26.88
N PHE B 315 20.14 11.00 27.81
CA PHE B 315 19.21 10.99 28.94
C PHE B 315 19.56 12.08 29.96
N LEU B 316 20.82 12.14 30.37
CA LEU B 316 21.21 13.12 31.39
C LEU B 316 20.91 14.56 30.99
N PRO B 317 21.15 15.01 29.76
CA PRO B 317 20.72 16.37 29.38
C PRO B 317 19.20 16.55 29.38
N ILE B 318 18.44 15.47 29.19
CA ILE B 318 16.99 15.57 29.14
C ILE B 318 16.36 15.28 30.50
N GLN B 319 16.78 14.19 31.15
CA GLN B 319 16.17 13.82 32.43
C GLN B 319 16.46 14.86 33.51
N MET B 320 17.62 15.51 33.45
CA MET B 320 17.94 16.57 34.39
C MET B 320 17.39 17.93 33.98
N HIS B 321 16.59 17.97 32.90
CA HIS B 321 15.92 19.19 32.45
C HIS B 321 16.92 20.29 32.11
N TRP B 322 17.94 19.92 31.34
CA TRP B 322 18.90 20.88 30.82
C TRP B 322 18.50 21.41 29.44
N TYR B 323 17.53 20.78 28.78
CA TYR B 323 17.07 21.20 27.46
C TYR B 323 15.99 22.27 27.53
N ARG B 324 15.33 22.43 28.67
CA ARG B 324 14.19 23.32 28.77
C ARG B 324 14.59 24.76 28.48
N ALA B 325 13.67 25.51 27.88
CA ALA B 325 13.89 26.91 27.56
C ALA B 325 13.44 27.77 28.73
N THR B 326 13.43 29.08 28.54
CA THR B 326 13.00 30.02 29.57
C THR B 326 11.76 30.83 29.21
N HIS B 327 11.43 30.95 27.93
CA HIS B 327 10.31 31.78 27.52
C HIS B 327 8.99 31.12 27.93
N GLN B 328 7.93 31.93 27.94
CA GLN B 328 6.64 31.47 28.46
C GLN B 328 6.03 30.38 27.58
N GLU B 329 6.25 30.46 26.27
CA GLU B 329 5.65 29.46 25.37
C GLU B 329 6.16 28.05 25.67
N ALA B 330 7.42 27.92 26.09
CA ALA B 330 7.96 26.60 26.41
C ALA B 330 7.41 26.09 27.74
N ILE B 331 7.31 26.97 28.74
CA ILE B 331 6.82 26.56 30.05
C ILE B 331 5.38 26.07 29.95
N ASN B 332 4.57 26.74 29.12
CA ASN B 332 3.18 26.34 28.96
C ASN B 332 3.06 25.02 28.22
N CYS B 333 4.05 24.68 27.39
CA CYS B 333 4.04 23.39 26.70
C CYS B 333 4.60 22.27 27.57
N TYR B 334 5.52 22.61 28.50
CA TYR B 334 6.05 21.59 29.39
C TYR B 334 5.00 21.17 30.42
N ALA B 335 4.25 22.13 30.96
CA ALA B 335 3.20 21.81 31.93
C ALA B 335 1.99 21.16 31.26
N GLU B 336 1.78 21.39 29.97
CA GLU B 336 0.65 20.79 29.27
C GLU B 336 0.97 19.35 28.89
N GLU B 337 0.08 18.43 29.26
CA GLU B 337 0.25 17.02 28.93
C GLU B 337 -0.02 16.73 27.45
N THR B 338 -0.82 17.56 26.78
CA THR B 338 -1.13 17.37 25.37
C THR B 338 -0.15 18.09 24.45
N CYS B 339 0.85 18.76 25.00
CA CYS B 339 1.88 19.44 24.22
C CYS B 339 3.21 18.74 24.46
N CYS B 340 3.83 18.25 23.38
CA CYS B 340 5.14 17.61 23.44
C CYS B 340 6.04 18.19 22.36
N ASP B 341 6.13 19.52 22.30
CA ASP B 341 7.01 20.21 21.38
C ASP B 341 8.40 20.32 22.00
N PHE B 342 9.42 20.12 21.16
CA PHE B 342 10.81 20.03 21.65
C PHE B 342 11.44 21.42 21.67
N PHE B 343 10.94 22.24 22.59
CA PHE B 343 11.52 23.56 22.81
C PHE B 343 12.87 23.42 23.51
N THR B 344 13.93 23.92 22.88
CA THR B 344 15.27 23.85 23.43
C THR B 344 15.85 25.25 23.56
N ASN B 345 16.74 25.42 24.53
CA ASN B 345 17.44 26.69 24.71
C ASN B 345 18.58 26.80 23.69
N GLN B 346 19.15 28.01 23.60
CA GLN B 346 20.16 28.26 22.60
C GLN B 346 21.45 27.51 22.91
N ALA B 347 21.68 27.18 24.18
CA ALA B 347 22.90 26.47 24.57
C ALA B 347 22.80 24.98 24.27
N TYR B 348 21.69 24.34 24.67
CA TYR B 348 21.55 22.91 24.48
C TYR B 348 21.44 22.55 23.00
N ALA B 349 20.75 23.39 22.21
CA ALA B 349 20.55 23.08 20.80
C ALA B 349 21.87 23.00 20.05
N ILE B 350 22.82 23.88 20.37
CA ILE B 350 24.12 23.84 19.72
C ILE B 350 25.00 22.75 20.33
N ALA B 351 25.06 22.69 21.65
CA ALA B 351 25.94 21.74 22.32
C ALA B 351 25.58 20.31 22.00
N SER B 352 24.28 19.98 22.01
CA SER B 352 23.86 18.61 21.74
C SER B 352 24.11 18.24 20.29
N SER B 353 23.88 19.18 19.36
CA SER B 353 24.10 18.89 17.95
C SER B 353 25.58 18.65 17.66
N ILE B 354 26.46 19.43 18.30
CA ILE B 354 27.89 19.25 18.09
C ILE B 354 28.37 17.94 18.71
N VAL B 355 27.94 17.67 19.94
CA VAL B 355 28.43 16.48 20.65
C VAL B 355 27.85 15.21 20.04
N SER B 356 26.53 15.14 19.91
CA SER B 356 25.86 13.91 19.52
C SER B 356 25.82 13.68 18.02
N PHE B 357 26.24 14.65 17.21
CA PHE B 357 26.17 14.47 15.76
C PHE B 357 27.40 15.00 15.04
N TYR B 358 27.71 16.28 15.21
CA TYR B 358 28.74 16.92 14.39
C TYR B 358 30.13 16.37 14.70
N VAL B 359 30.47 16.24 15.99
CA VAL B 359 31.79 15.74 16.37
C VAL B 359 32.04 14.32 15.85
N PRO B 360 31.16 13.33 16.10
CA PRO B 360 31.39 12.01 15.51
C PRO B 360 31.27 11.99 13.99
N LEU B 361 30.56 12.95 13.40
CA LEU B 361 30.45 13.01 11.94
C LEU B 361 31.80 13.38 11.31
N VAL B 362 32.50 14.36 11.89
CA VAL B 362 33.79 14.78 11.35
C VAL B 362 34.79 13.63 11.45
N ILE B 363 34.82 12.96 12.60
CA ILE B 363 35.75 11.86 12.79
C ILE B 363 35.42 10.69 11.87
N MET B 364 34.13 10.44 11.64
CA MET B 364 33.74 9.35 10.76
C MET B 364 34.19 9.60 9.32
N VAL B 365 33.96 10.82 8.82
CA VAL B 365 34.35 11.14 7.45
C VAL B 365 35.86 11.16 7.30
N PHE B 366 36.57 11.73 8.28
CA PHE B 366 38.03 11.84 8.19
C PHE B 366 38.67 10.46 8.20
N VAL B 367 38.27 9.60 9.14
CA VAL B 367 38.89 8.28 9.28
C VAL B 367 38.57 7.43 8.06
N TYR B 368 37.30 7.35 7.68
CA TYR B 368 36.91 6.47 6.58
C TYR B 368 37.42 6.96 5.23
N SER B 369 37.72 8.25 5.10
CA SER B 369 38.34 8.73 3.87
C SER B 369 39.78 8.23 3.75
N ARG B 370 40.48 8.11 4.87
CA ARG B 370 41.83 7.52 4.85
C ARG B 370 41.77 6.02 4.61
N VAL B 371 40.68 5.36 5.04
CA VAL B 371 40.50 3.95 4.73
C VAL B 371 40.36 3.75 3.22
N PHE B 372 39.58 4.61 2.56
CA PHE B 372 39.47 4.55 1.11
C PHE B 372 40.80 4.86 0.43
N GLN B 373 41.62 5.71 1.05
CA GLN B 373 42.94 5.99 0.51
C GLN B 373 43.85 4.77 0.61
N GLU B 374 43.74 4.03 1.72
CA GLU B 374 44.51 2.79 1.85
C GLU B 374 43.91 1.68 0.99
N ALA B 375 42.60 1.73 0.73
CA ALA B 375 41.97 0.71 -0.11
C ALA B 375 42.40 0.87 -1.57
N LYS B 376 42.55 2.11 -2.03
CA LYS B 376 43.03 2.36 -3.39
C LYS B 376 44.53 2.11 -3.52
N ARG B 377 45.28 2.22 -2.43
CA ARG B 377 46.72 1.97 -2.48
C ARG B 377 47.02 0.48 -2.43
N GLN B 378 46.26 -0.28 -1.65
CA GLN B 378 46.40 -1.73 -1.57
C GLN B 378 45.50 -2.46 -2.56
N LEU B 379 45.32 -1.90 -3.75
CA LEU B 379 44.49 -2.51 -4.78
C LEU B 379 45.27 -3.58 -5.54
N ILE B 384 41.85 -6.97 -9.37
CA ILE B 384 42.79 -7.62 -8.47
C ILE B 384 42.42 -9.09 -8.30
N ASP B 385 42.50 -9.58 -7.07
CA ASP B 385 42.15 -10.96 -6.77
C ASP B 385 40.64 -11.14 -6.79
N LYS B 386 40.21 -12.41 -6.68
CA LYS B 386 38.78 -12.72 -6.74
C LYS B 386 38.07 -12.24 -5.48
N PHE B 387 38.55 -12.67 -4.31
CA PHE B 387 37.91 -12.27 -3.06
C PHE B 387 38.19 -10.82 -2.72
N ALA B 388 39.30 -10.27 -3.20
CA ALA B 388 39.66 -8.90 -2.88
C ALA B 388 38.64 -7.91 -3.44
N LEU B 389 38.17 -8.15 -4.67
CA LEU B 389 37.14 -7.30 -5.24
C LEU B 389 35.84 -7.41 -4.45
N LYS B 390 35.53 -8.60 -3.92
CA LYS B 390 34.35 -8.75 -3.09
C LYS B 390 34.49 -7.99 -1.78
N GLU B 391 35.66 -8.06 -1.15
CA GLU B 391 35.83 -7.41 0.15
C GLU B 391 36.07 -5.91 -0.01
N HIS B 392 36.58 -5.48 -1.16
CA HIS B 392 36.67 -4.04 -1.42
C HIS B 392 35.29 -3.44 -1.62
N LYS B 393 34.36 -4.19 -2.20
CA LYS B 393 32.99 -3.72 -2.32
C LYS B 393 32.29 -3.70 -0.97
N ALA B 394 32.71 -4.57 -0.04
CA ALA B 394 32.15 -4.53 1.30
C ALA B 394 32.52 -3.23 2.01
N LEU B 395 33.74 -2.72 1.77
CA LEU B 395 34.10 -1.41 2.29
C LEU B 395 33.27 -0.31 1.62
N LYS B 396 32.98 -0.47 0.34
CA LYS B 396 32.10 0.48 -0.34
C LYS B 396 30.68 0.41 0.22
N THR B 397 30.24 -0.78 0.63
CA THR B 397 28.90 -0.92 1.22
C THR B 397 28.80 -0.17 2.53
N LEU B 398 29.82 -0.30 3.39
CA LEU B 398 29.85 0.47 4.62
C LEU B 398 29.98 1.96 4.34
N GLY B 399 30.64 2.34 3.25
CA GLY B 399 30.72 3.74 2.87
C GLY B 399 29.37 4.32 2.50
N ILE B 400 28.48 3.48 1.96
CA ILE B 400 27.13 3.95 1.64
C ILE B 400 26.31 4.11 2.92
N ILE B 401 26.48 3.18 3.87
CA ILE B 401 25.78 3.28 5.15
C ILE B 401 26.13 4.60 5.84
N MET B 402 27.43 4.91 5.91
CA MET B 402 27.85 6.17 6.51
C MET B 402 27.44 7.37 5.68
N GLY B 403 27.44 7.23 4.35
CA GLY B 403 27.03 8.33 3.51
C GLY B 403 25.53 8.56 3.51
N THR B 404 24.76 7.49 3.53
CA THR B 404 23.30 7.64 3.58
C THR B 404 22.87 8.20 4.93
N PHE B 405 23.46 7.73 6.02
CA PHE B 405 23.15 8.28 7.33
C PHE B 405 23.54 9.74 7.43
N THR B 406 24.59 10.16 6.69
CA THR B 406 24.99 11.56 6.71
C THR B 406 24.02 12.41 5.89
N LEU B 407 23.73 11.99 4.65
CA LEU B 407 22.87 12.75 3.76
C LEU B 407 21.40 12.72 4.15
N CYS B 408 21.05 12.08 5.28
CA CYS B 408 19.69 12.07 5.77
C CYS B 408 19.51 12.81 7.07
N TRP B 409 20.56 12.94 7.89
CA TRP B 409 20.49 13.68 9.14
C TRP B 409 21.19 15.03 9.08
N LEU B 410 22.07 15.25 8.12
CA LEU B 410 22.75 16.54 8.01
C LEU B 410 21.79 17.71 7.79
N PRO B 411 20.81 17.63 6.87
CA PRO B 411 19.88 18.76 6.73
C PRO B 411 19.12 19.07 8.00
N PHE B 412 18.76 18.04 8.78
CA PHE B 412 18.05 18.29 10.04
C PHE B 412 18.94 19.02 11.05
N PHE B 413 20.17 18.54 11.24
CA PHE B 413 21.05 19.17 12.22
C PHE B 413 21.59 20.50 11.75
N ILE B 414 21.58 20.76 10.44
CA ILE B 414 21.88 22.11 9.96
C ILE B 414 20.80 23.09 10.38
N VAL B 415 19.54 22.65 10.36
CA VAL B 415 18.43 23.50 10.76
C VAL B 415 18.55 23.92 12.22
N ASN B 416 18.99 22.99 13.08
CA ASN B 416 19.14 23.30 14.49
C ASN B 416 20.11 24.47 14.71
N ILE B 417 21.15 24.55 13.87
CA ILE B 417 22.06 25.69 13.95
C ILE B 417 21.38 26.94 13.42
N VAL B 418 20.55 26.80 12.39
CA VAL B 418 19.86 27.96 11.83
C VAL B 418 18.83 28.50 12.81
N HIS B 419 18.08 27.61 13.48
CA HIS B 419 17.06 28.04 14.42
C HIS B 419 17.66 28.85 15.57
N VAL B 420 18.87 28.47 16.00
CA VAL B 420 19.50 29.19 17.10
C VAL B 420 19.98 30.56 16.64
N ILE B 421 20.55 30.64 15.44
CA ILE B 421 21.08 31.92 14.95
C ILE B 421 19.94 32.87 14.65
N GLN B 422 18.96 32.43 13.85
CA GLN B 422 17.80 33.23 13.50
C GLN B 422 16.54 32.44 13.83
N ASP B 423 15.76 32.94 14.78
CA ASP B 423 14.51 32.29 15.15
C ASP B 423 13.43 32.57 14.10
N ASN B 424 12.60 31.57 13.85
CA ASN B 424 11.49 31.67 12.91
C ASN B 424 11.96 32.02 11.50
N LEU B 425 13.02 31.36 11.06
CA LEU B 425 13.48 31.45 9.69
C LEU B 425 13.11 30.23 8.85
N ILE B 426 12.93 29.08 9.48
CA ILE B 426 12.55 27.84 8.81
C ILE B 426 11.19 27.42 9.36
N ARG B 427 10.28 27.03 8.48
CA ARG B 427 8.93 26.66 8.89
C ARG B 427 8.97 25.40 9.75
N LYS B 428 7.92 25.24 10.57
CA LYS B 428 7.81 24.05 11.40
C LYS B 428 7.57 22.80 10.55
N GLU B 429 6.84 22.92 9.45
CA GLU B 429 6.63 21.78 8.57
C GLU B 429 7.93 21.32 7.93
N VAL B 430 8.81 22.27 7.60
CA VAL B 430 10.11 21.90 7.04
C VAL B 430 10.97 21.22 8.10
N TYR B 431 10.91 21.70 9.34
CA TYR B 431 11.67 21.08 10.42
C TYR B 431 11.20 19.66 10.66
N ILE B 432 9.88 19.43 10.64
CA ILE B 432 9.37 18.08 10.84
C ILE B 432 9.67 17.20 9.64
N LEU B 433 9.67 17.78 8.44
CA LEU B 433 9.94 17.01 7.23
C LEU B 433 11.36 16.47 7.24
N LEU B 434 12.35 17.35 7.48
CA LEU B 434 13.74 16.92 7.50
C LEU B 434 14.02 15.96 8.65
N ASN B 435 13.26 16.07 9.74
CA ASN B 435 13.41 15.12 10.84
C ASN B 435 12.97 13.73 10.42
N TRP B 436 11.92 13.63 9.61
CA TRP B 436 11.45 12.33 9.14
C TRP B 436 12.33 11.74 8.05
N ILE B 437 13.11 12.55 7.35
CA ILE B 437 14.08 12.00 6.40
C ILE B 437 15.08 11.12 7.14
N GLY B 438 15.48 11.53 8.35
CA GLY B 438 16.33 10.69 9.17
C GLY B 438 15.61 9.48 9.73
N TYR B 439 14.29 9.59 9.90
CA TYR B 439 13.51 8.44 10.34
C TYR B 439 13.50 7.35 9.28
N VAL B 440 13.28 7.71 8.02
CA VAL B 440 13.33 6.74 6.93
C VAL B 440 14.72 6.17 6.78
N ASN B 441 15.75 6.93 7.17
CA ASN B 441 17.12 6.45 7.13
C ASN B 441 17.32 5.21 8.01
N SER B 442 16.50 5.04 9.04
CA SER B 442 16.56 3.86 9.89
C SER B 442 15.97 2.62 9.22
N GLY B 443 15.59 2.71 7.95
CA GLY B 443 15.10 1.57 7.20
C GLY B 443 15.82 1.37 5.88
N PHE B 444 16.82 2.20 5.61
CA PHE B 444 17.64 2.09 4.40
C PHE B 444 18.78 1.08 4.55
N ASN B 445 19.37 1.00 5.74
CA ASN B 445 20.50 0.10 5.96
C ASN B 445 20.24 -1.34 5.55
N PRO B 446 19.10 -1.98 5.87
CA PRO B 446 18.89 -3.36 5.40
C PRO B 446 18.87 -3.50 3.89
N LEU B 447 18.33 -2.50 3.18
CA LEU B 447 18.35 -2.56 1.72
C LEU B 447 19.75 -2.39 1.17
N ILE B 448 20.59 -1.59 1.84
CA ILE B 448 21.97 -1.42 1.39
C ILE B 448 22.77 -2.68 1.64
N TYR B 449 22.45 -3.42 2.72
CA TYR B 449 23.15 -4.66 3.02
C TYR B 449 22.93 -5.71 1.95
N CYS B 450 21.88 -5.58 1.14
CA CYS B 450 21.65 -6.50 0.03
C CYS B 450 22.72 -6.39 -1.05
N ARG B 451 23.52 -5.32 -1.03
CA ARG B 451 24.64 -5.23 -1.97
C ARG B 451 25.66 -6.32 -1.72
N SER B 452 25.92 -6.64 -0.46
CA SER B 452 26.87 -7.69 -0.12
C SER B 452 26.24 -9.05 -0.33
N PRO B 453 26.83 -9.91 -1.19
CA PRO B 453 26.25 -11.25 -1.38
C PRO B 453 26.20 -12.08 -0.12
N ASP B 454 27.05 -11.77 0.87
CA ASP B 454 27.01 -12.53 2.13
C ASP B 454 25.71 -12.26 2.90
N PHE B 455 25.31 -11.00 2.99
CA PHE B 455 24.02 -10.66 3.59
C PHE B 455 22.85 -11.04 2.67
N ARG B 456 23.03 -10.89 1.36
CA ARG B 456 21.94 -11.17 0.42
C ARG B 456 21.51 -12.63 0.50
N ILE B 457 22.47 -13.55 0.58
CA ILE B 457 22.14 -14.97 0.72
C ILE B 457 21.42 -15.21 2.05
N ALA B 458 21.89 -14.57 3.12
CA ALA B 458 21.28 -14.77 4.44
C ALA B 458 19.84 -14.27 4.44
N PHE B 459 19.57 -13.17 3.74
CA PHE B 459 18.19 -12.71 3.61
C PHE B 459 17.35 -13.70 2.82
N GLN B 460 17.89 -14.17 1.68
CA GLN B 460 17.15 -15.11 0.84
C GLN B 460 16.87 -16.42 1.54
N GLU B 461 17.70 -16.79 2.52
CA GLU B 461 17.49 -18.06 3.20
C GLU B 461 16.44 -17.96 4.29
N LEU B 462 16.29 -16.79 4.91
CA LEU B 462 15.41 -16.67 6.07
C LEU B 462 13.96 -16.48 5.66
N LEU B 463 13.67 -15.51 4.78
CA LEU B 463 12.30 -15.23 4.39
C LEU B 463 11.89 -16.01 3.15
N CYS B 464 12.55 -15.80 2.02
CA CYS B 464 12.33 -16.64 0.86
C CYS B 464 12.76 -18.07 1.18
N LEU B 465 12.11 -19.04 0.53
CA LEU B 465 12.36 -20.46 0.79
C LEU B 465 12.27 -20.75 2.29
N ARG B 466 11.26 -20.17 2.95
CA ARG B 466 11.21 -20.18 4.40
C ARG B 466 11.06 -21.59 4.96
N ARG B 467 10.38 -22.48 4.23
CA ARG B 467 10.13 -23.84 4.70
C ARG B 467 11.44 -24.61 4.93
N GLN C 1 46.19 -13.78 0.67
CA GLN C 1 47.56 -14.28 0.63
C GLN C 1 47.89 -15.09 1.89
N VAL C 2 46.95 -15.92 2.32
CA VAL C 2 47.15 -16.78 3.47
C VAL C 2 47.77 -18.10 3.01
N GLN C 3 48.46 -18.76 3.94
CA GLN C 3 49.17 -20.01 3.63
C GLN C 3 48.90 -21.02 4.74
N LEU C 4 48.52 -22.23 4.34
CA LEU C 4 48.33 -23.35 5.25
C LEU C 4 49.12 -24.53 4.73
N GLN C 5 49.97 -25.12 5.58
CA GLN C 5 50.83 -26.22 5.19
C GLN C 5 50.89 -27.23 6.31
N GLU C 6 50.39 -28.45 6.04
CA GLU C 6 50.40 -29.52 7.01
C GLU C 6 51.73 -30.29 6.94
N SER C 7 51.99 -31.05 8.01
CA SER C 7 53.21 -31.85 8.10
C SER C 7 53.04 -32.84 9.24
N GLY C 8 53.77 -33.96 9.15
CA GLY C 8 53.76 -34.99 10.17
C GLY C 8 53.04 -36.26 9.78
N GLY C 9 52.36 -36.29 8.65
CA GLY C 9 51.65 -37.48 8.22
C GLY C 9 52.60 -38.57 7.72
N GLY C 10 52.01 -39.70 7.38
CA GLY C 10 52.75 -40.83 6.88
C GLY C 10 52.05 -42.12 7.27
N LEU C 11 52.85 -43.18 7.37
CA LEU C 11 52.37 -44.51 7.71
C LEU C 11 52.69 -44.83 9.16
N VAL C 12 51.72 -45.41 9.86
CA VAL C 12 51.88 -45.76 11.27
C VAL C 12 51.03 -46.99 11.56
N GLN C 13 51.55 -47.87 12.41
CA GLN C 13 50.84 -49.08 12.77
C GLN C 13 49.61 -48.76 13.62
N ALA C 14 48.68 -49.72 13.68
CA ALA C 14 47.46 -49.52 14.45
C ALA C 14 47.76 -49.44 15.94
N GLY C 15 47.07 -48.54 16.62
CA GLY C 15 47.32 -48.28 18.03
C GLY C 15 48.53 -47.42 18.32
N GLY C 16 49.22 -46.93 17.30
CA GLY C 16 50.39 -46.08 17.49
C GLY C 16 50.01 -44.64 17.80
N SER C 17 50.88 -43.72 17.39
CA SER C 17 50.66 -42.31 17.66
C SER C 17 51.30 -41.48 16.55
N LEU C 18 50.73 -40.31 16.32
CA LEU C 18 51.19 -39.39 15.29
C LEU C 18 50.74 -37.99 15.66
N ARG C 19 51.53 -36.99 15.25
CA ARG C 19 51.29 -35.60 15.62
C ARG C 19 51.32 -34.74 14.36
N LEU C 20 50.17 -34.15 14.02
CA LEU C 20 50.05 -33.28 12.86
C LEU C 20 50.14 -31.82 13.29
N SER C 21 50.79 -31.00 12.47
CA SER C 21 50.95 -29.59 12.74
C SER C 21 50.67 -28.79 11.46
N CYS C 22 50.15 -27.59 11.63
CA CYS C 22 49.75 -26.75 10.50
C CYS C 22 50.17 -25.32 10.78
N ALA C 23 51.15 -24.84 10.03
CA ALA C 23 51.59 -23.45 10.14
C ALA C 23 50.70 -22.56 9.29
N ALA C 24 50.15 -21.51 9.90
CA ALA C 24 49.28 -20.57 9.22
C ALA C 24 49.97 -19.22 9.12
N SER C 25 49.94 -18.62 7.94
CA SER C 25 50.55 -17.31 7.72
C SER C 25 49.76 -16.55 6.68
N GLY C 26 49.20 -15.41 7.08
CA GLY C 26 48.43 -14.58 6.17
C GLY C 26 47.38 -13.76 6.88
N SER C 27 47.27 -13.93 8.18
CA SER C 27 46.30 -13.21 8.99
C SER C 27 46.87 -13.05 10.39
N ILE C 28 45.99 -12.84 11.37
CA ILE C 28 46.43 -12.69 12.75
C ILE C 28 46.61 -14.03 13.46
N PHE C 29 45.84 -15.05 13.06
CA PHE C 29 45.90 -16.40 13.60
C PHE C 29 45.35 -16.49 15.02
N SER C 30 45.79 -15.58 15.90
CA SER C 30 45.31 -15.57 17.28
C SER C 30 43.82 -15.28 17.36
N LEU C 31 43.24 -14.67 16.33
CA LEU C 31 41.84 -14.27 16.35
C LEU C 31 40.93 -15.20 15.55
N ASN C 32 41.46 -15.93 14.58
CA ASN C 32 40.67 -16.84 13.77
C ASN C 32 40.72 -18.25 14.33
N ASP C 33 39.66 -19.01 14.09
CA ASP C 33 39.48 -20.34 14.66
C ASP C 33 40.09 -21.39 13.73
N MET C 34 40.88 -22.29 14.32
CA MET C 34 41.52 -23.36 13.58
C MET C 34 40.64 -24.61 13.61
N GLY C 35 41.09 -25.65 12.92
CA GLY C 35 40.35 -26.89 12.88
C GLY C 35 41.01 -27.88 11.95
N TRP C 36 40.67 -29.15 12.15
CA TRP C 36 41.21 -30.26 11.37
C TRP C 36 40.07 -31.07 10.77
N TYR C 37 40.16 -31.33 9.47
CA TYR C 37 39.18 -32.13 8.75
C TYR C 37 39.90 -33.24 7.99
N ARG C 38 39.23 -34.38 7.87
CA ARG C 38 39.77 -35.53 7.15
C ARG C 38 38.77 -36.00 6.11
N GLN C 39 39.28 -36.54 5.02
CA GLN C 39 38.46 -37.02 3.91
C GLN C 39 38.87 -38.44 3.55
N ALA C 40 37.93 -39.37 3.69
CA ALA C 40 38.14 -40.76 3.32
C ALA C 40 37.94 -40.95 1.82
N PRO C 41 38.43 -42.07 1.25
CA PRO C 41 38.23 -42.30 -0.18
C PRO C 41 36.76 -42.46 -0.53
N GLY C 42 36.27 -41.56 -1.38
CA GLY C 42 34.88 -41.58 -1.77
C GLY C 42 33.91 -41.14 -0.70
N LYS C 43 34.38 -40.36 0.28
CA LYS C 43 33.55 -39.91 1.39
C LYS C 43 33.69 -38.40 1.58
N LEU C 44 32.73 -37.83 2.28
CA LEU C 44 32.72 -36.40 2.56
C LEU C 44 33.68 -36.06 3.69
N ARG C 45 34.04 -34.79 3.78
CA ARG C 45 34.95 -34.33 4.83
C ARG C 45 34.26 -34.40 6.19
N GLU C 46 35.03 -34.76 7.21
CA GLU C 46 34.51 -34.93 8.56
C GLU C 46 35.35 -34.14 9.54
N LEU C 47 34.70 -33.29 10.32
CA LEU C 47 35.40 -32.52 11.35
C LEU C 47 35.83 -33.45 12.47
N VAL C 48 37.13 -33.46 12.78
CA VAL C 48 37.66 -34.27 13.86
C VAL C 48 38.16 -33.43 15.03
N ALA C 49 38.58 -32.19 14.78
CA ALA C 49 39.10 -31.34 15.84
C ALA C 49 39.05 -29.89 15.38
N ALA C 50 38.68 -29.00 16.31
CA ALA C 50 38.59 -27.58 16.00
C ALA C 50 38.74 -26.80 17.30
N ILE C 51 39.60 -25.79 17.27
CA ILE C 51 39.85 -24.93 18.43
C ILE C 51 39.52 -23.49 18.06
N THR C 52 38.75 -22.83 18.91
CA THR C 52 38.34 -21.46 18.65
C THR C 52 39.46 -20.49 19.01
N SER C 53 39.18 -19.19 18.86
CA SER C 53 40.16 -18.18 19.24
C SER C 53 40.33 -18.14 20.76
N GLY C 54 39.24 -18.33 21.51
CA GLY C 54 39.34 -18.34 22.96
C GLY C 54 40.00 -19.57 23.52
N GLY C 55 39.90 -20.69 22.80
CA GLY C 55 40.54 -21.92 23.22
C GLY C 55 39.59 -23.09 23.38
N SER C 56 38.34 -22.91 22.96
CA SER C 56 37.34 -23.98 23.06
C SER C 56 37.61 -25.04 22.01
N THR C 57 37.93 -26.25 22.47
CA THR C 57 38.27 -27.36 21.57
C THR C 57 37.06 -28.27 21.41
N LYS C 58 36.77 -28.64 20.17
CA LYS C 58 35.66 -29.52 19.84
C LYS C 58 36.19 -30.72 19.06
N TYR C 59 35.72 -31.91 19.42
CA TYR C 59 36.16 -33.15 18.79
C TYR C 59 34.95 -33.91 18.25
N ALA C 60 35.24 -34.92 17.44
CA ALA C 60 34.21 -35.79 16.89
C ALA C 60 34.01 -37.01 17.79
N ASP C 61 32.81 -37.58 17.72
CA ASP C 61 32.50 -38.73 18.56
C ASP C 61 33.36 -39.94 18.21
N SER C 62 33.77 -40.07 16.95
CA SER C 62 34.62 -41.19 16.54
C SER C 62 36.06 -41.01 17.00
N VAL C 63 36.49 -39.79 17.33
CA VAL C 63 37.85 -39.52 17.77
C VAL C 63 37.89 -38.89 19.16
N LYS C 64 36.78 -38.91 19.88
CA LYS C 64 36.72 -38.29 21.20
C LYS C 64 37.56 -39.08 22.20
N GLY C 65 38.42 -38.38 22.94
CA GLY C 65 39.28 -39.00 23.92
C GLY C 65 40.59 -39.53 23.38
N ARG C 66 40.68 -39.79 22.07
CA ARG C 66 41.90 -40.28 21.46
C ARG C 66 42.74 -39.17 20.83
N PHE C 67 42.10 -38.16 20.25
CA PHE C 67 42.80 -37.04 19.63
C PHE C 67 42.80 -35.83 20.57
N THR C 68 43.75 -34.94 20.33
CA THR C 68 43.90 -33.73 21.14
C THR C 68 44.42 -32.61 20.27
N ILE C 69 43.67 -31.51 20.19
CA ILE C 69 44.03 -30.37 19.36
C ILE C 69 44.52 -29.24 20.24
N SER C 70 45.50 -28.50 19.75
CA SER C 70 46.04 -27.35 20.45
C SER C 70 46.69 -26.43 19.42
N ARG C 71 47.12 -25.25 19.88
CA ARG C 71 47.72 -24.27 18.99
C ARG C 71 48.78 -23.49 19.75
N ASP C 72 49.67 -22.86 18.99
CA ASP C 72 50.73 -22.01 19.53
C ASP C 72 50.69 -20.69 18.76
N ASN C 73 50.09 -19.66 19.37
CA ASN C 73 50.00 -18.36 18.73
C ASN C 73 51.37 -17.71 18.53
N ALA C 74 52.37 -18.11 19.30
CA ALA C 74 53.71 -17.56 19.12
C ALA C 74 54.36 -18.05 17.84
N LYS C 75 54.00 -19.26 17.39
CA LYS C 75 54.53 -19.83 16.17
C LYS C 75 53.47 -19.94 15.07
N ASN C 76 52.23 -19.52 15.34
CA ASN C 76 51.16 -19.53 14.35
C ASN C 76 50.92 -20.94 13.80
N THR C 77 50.87 -21.92 14.70
CA THR C 77 50.73 -23.31 14.31
C THR C 77 49.71 -23.99 15.20
N VAL C 78 48.77 -24.70 14.57
CA VAL C 78 47.78 -25.52 15.26
C VAL C 78 48.23 -26.97 15.17
N TYR C 79 48.20 -27.68 16.30
CA TYR C 79 48.68 -29.04 16.40
C TYR C 79 47.51 -30.01 16.59
N LEU C 80 47.77 -31.28 16.27
CA LEU C 80 46.77 -32.34 16.39
C LEU C 80 47.48 -33.62 16.81
N GLN C 81 47.37 -33.95 18.10
CA GLN C 81 47.94 -35.19 18.63
C GLN C 81 46.97 -36.34 18.40
N MET C 82 47.45 -37.39 17.73
CA MET C 82 46.63 -38.55 17.38
C MET C 82 47.14 -39.75 18.17
N ASN C 83 46.38 -40.16 19.17
CA ASN C 83 46.71 -41.31 20.01
C ASN C 83 45.72 -42.43 19.76
N SER C 84 46.19 -43.66 19.94
CA SER C 84 45.39 -44.87 19.74
C SER C 84 44.74 -44.87 18.36
N LEU C 85 45.59 -44.81 17.34
CA LEU C 85 45.11 -44.72 15.96
C LEU C 85 44.48 -46.04 15.53
N LYS C 86 43.30 -45.96 14.92
CA LYS C 86 42.57 -47.12 14.43
C LYS C 86 42.60 -47.13 12.90
N ALA C 87 42.04 -48.20 12.33
CA ALA C 87 41.95 -48.32 10.88
C ALA C 87 40.97 -47.33 10.28
N GLU C 88 40.00 -46.84 11.06
CA GLU C 88 39.04 -45.87 10.59
C GLU C 88 39.61 -44.45 10.52
N ASP C 89 40.80 -44.24 11.07
CA ASP C 89 41.47 -42.94 11.01
C ASP C 89 42.29 -42.75 9.75
N THR C 90 42.32 -43.73 8.86
CA THR C 90 43.06 -43.64 7.61
C THR C 90 42.33 -42.69 6.67
N ALA C 91 42.82 -41.46 6.57
CA ALA C 91 42.20 -40.46 5.72
C ALA C 91 43.20 -39.34 5.46
N VAL C 92 42.83 -38.45 4.53
CA VAL C 92 43.63 -37.28 4.20
C VAL C 92 43.18 -36.14 5.10
N TYR C 93 44.06 -35.72 6.01
CA TYR C 93 43.74 -34.69 6.98
C TYR C 93 44.03 -33.30 6.43
N TYR C 94 43.06 -32.41 6.54
CA TYR C 94 43.18 -31.04 6.06
C TYR C 94 43.17 -30.07 7.22
N CYS C 95 43.93 -28.99 7.07
CA CYS C 95 44.01 -27.94 8.08
C CYS C 95 43.12 -26.78 7.63
N ASN C 96 42.13 -26.45 8.46
CA ASN C 96 41.15 -25.43 8.13
C ASN C 96 41.45 -24.14 8.88
N ALA C 97 41.24 -23.01 8.21
CA ALA C 97 41.45 -21.68 8.80
C ALA C 97 40.23 -20.82 8.49
N LYS C 98 39.50 -20.44 9.53
CA LYS C 98 38.30 -19.60 9.40
C LYS C 98 38.68 -18.16 9.75
N VAL C 99 39.21 -17.45 8.76
CA VAL C 99 39.62 -16.07 8.93
C VAL C 99 38.42 -15.17 8.67
N ALA C 100 38.03 -14.38 9.67
CA ALA C 100 36.89 -13.49 9.54
C ALA C 100 37.27 -12.25 8.74
N GLY C 101 36.38 -11.83 7.85
CA GLY C 101 36.57 -10.67 7.01
C GLY C 101 35.74 -9.49 7.49
N THR C 102 35.15 -8.77 6.53
CA THR C 102 34.31 -7.63 6.87
C THR C 102 32.89 -8.08 7.24
N PHE C 103 32.22 -8.78 6.32
CA PHE C 103 30.87 -9.24 6.54
C PHE C 103 30.74 -10.74 6.76
N SER C 104 31.70 -11.54 6.29
CA SER C 104 31.62 -12.99 6.38
C SER C 104 32.98 -13.58 6.74
N ILE C 105 32.97 -14.84 7.16
CA ILE C 105 34.18 -15.58 7.48
C ILE C 105 34.58 -16.41 6.26
N TYR C 106 35.83 -16.28 5.85
CA TYR C 106 36.36 -17.02 4.70
C TYR C 106 37.07 -18.28 5.18
N ASP C 107 36.72 -19.41 4.58
CA ASP C 107 37.34 -20.69 4.92
C ASP C 107 38.52 -20.94 4.00
N TYR C 108 39.70 -21.13 4.60
CA TYR C 108 40.91 -21.47 3.86
C TYR C 108 41.38 -22.84 4.28
N TRP C 109 41.90 -23.61 3.32
CA TRP C 109 42.30 -24.98 3.54
C TRP C 109 43.75 -25.19 3.14
N GLY C 110 44.34 -26.25 3.69
CA GLY C 110 45.68 -26.65 3.32
C GLY C 110 45.68 -27.70 2.23
N GLN C 111 46.88 -28.09 1.80
CA GLN C 111 47.01 -29.08 0.73
C GLN C 111 46.53 -30.46 1.17
N GLY C 112 46.66 -30.77 2.45
CA GLY C 112 46.21 -32.06 2.96
C GLY C 112 47.33 -33.05 3.14
N THR C 113 47.44 -33.63 4.33
CA THR C 113 48.44 -34.64 4.64
C THR C 113 47.78 -36.02 4.69
N GLN C 114 48.56 -37.03 4.29
CA GLN C 114 48.07 -38.40 4.20
C GLN C 114 48.50 -39.18 5.43
N VAL C 115 47.53 -39.81 6.10
CA VAL C 115 47.78 -40.64 7.28
C VAL C 115 47.21 -42.03 7.01
N THR C 116 48.09 -43.02 6.98
CA THR C 116 47.71 -44.41 6.73
C THR C 116 47.94 -45.23 7.98
N VAL C 117 46.93 -45.99 8.39
CA VAL C 117 47.03 -46.85 9.56
C VAL C 117 47.00 -48.31 9.16
N GLN D 1 -36.96 25.26 -15.67
CA GLN D 1 -37.97 26.19 -16.17
C GLN D 1 -39.38 25.66 -15.96
N VAL D 2 -39.63 25.09 -14.77
CA VAL D 2 -40.93 24.56 -14.43
C VAL D 2 -41.76 25.65 -13.75
N GLN D 3 -43.07 25.48 -13.78
CA GLN D 3 -43.99 26.47 -13.21
C GLN D 3 -45.06 25.75 -12.40
N LEU D 4 -45.26 26.22 -11.17
CA LEU D 4 -46.28 25.69 -10.28
C LEU D 4 -47.20 26.83 -9.85
N GLN D 5 -48.50 26.65 -10.07
CA GLN D 5 -49.50 27.67 -9.75
C GLN D 5 -50.65 27.03 -8.99
N GLU D 6 -50.83 27.45 -7.74
CA GLU D 6 -51.91 26.93 -6.91
C GLU D 6 -53.19 27.72 -7.14
N SER D 7 -54.31 27.12 -6.74
CA SER D 7 -55.62 27.77 -6.88
C SER D 7 -56.62 27.04 -6.00
N GLY D 8 -57.67 27.75 -5.61
CA GLY D 8 -58.72 27.21 -4.76
C GLY D 8 -58.73 27.73 -3.34
N GLY D 9 -57.71 28.46 -2.93
CA GLY D 9 -57.67 29.00 -1.59
C GLY D 9 -58.61 30.18 -1.42
N GLY D 10 -58.65 30.69 -0.20
CA GLY D 10 -59.47 31.84 0.11
C GLY D 10 -59.99 31.73 1.53
N LEU D 11 -61.15 32.35 1.76
CA LEU D 11 -61.79 32.36 3.05
C LEU D 11 -62.95 31.38 3.08
N VAL D 12 -63.10 30.67 4.18
CA VAL D 12 -64.15 29.68 4.34
C VAL D 12 -64.47 29.53 5.82
N GLN D 13 -65.75 29.30 6.13
CA GLN D 13 -66.18 29.13 7.50
C GLN D 13 -65.67 27.81 8.06
N ALA D 14 -65.69 27.71 9.39
CA ALA D 14 -65.19 26.51 10.05
C ALA D 14 -66.09 25.32 9.74
N GLY D 15 -65.46 24.17 9.52
CA GLY D 15 -66.17 22.96 9.15
C GLY D 15 -66.56 22.86 7.69
N GLY D 16 -66.20 23.85 6.87
CA GLY D 16 -66.56 23.86 5.46
C GLY D 16 -65.71 22.92 4.63
N SER D 17 -65.51 23.30 3.36
CA SER D 17 -64.76 22.47 2.44
C SER D 17 -64.08 23.35 1.40
N LEU D 18 -62.91 22.89 0.93
CA LEU D 18 -62.17 23.57 -0.11
C LEU D 18 -61.41 22.53 -0.93
N ARG D 19 -61.12 22.88 -2.18
CA ARG D 19 -60.42 21.99 -3.11
C ARG D 19 -59.27 22.76 -3.74
N LEU D 20 -58.05 22.40 -3.37
CA LEU D 20 -56.85 23.05 -3.91
C LEU D 20 -56.33 22.28 -5.12
N SER D 21 -55.86 23.03 -6.10
CA SER D 21 -55.30 22.45 -7.33
C SER D 21 -54.00 23.16 -7.67
N CYS D 22 -53.07 22.40 -8.26
CA CYS D 22 -51.74 22.90 -8.58
C CYS D 22 -51.38 22.47 -10.00
N ALA D 23 -51.29 23.45 -10.90
CA ALA D 23 -50.91 23.20 -12.27
C ALA D 23 -49.39 23.16 -12.39
N ALA D 24 -48.87 22.08 -12.96
CA ALA D 24 -47.44 21.90 -13.16
C ALA D 24 -47.15 21.93 -14.65
N SER D 25 -46.16 22.73 -15.05
CA SER D 25 -45.79 22.86 -16.45
C SER D 25 -44.29 23.09 -16.54
N GLY D 26 -43.58 22.13 -17.12
CA GLY D 26 -42.13 22.24 -17.27
C GLY D 26 -41.42 20.90 -17.25
N SER D 27 -42.19 19.83 -17.08
CA SER D 27 -41.63 18.48 -17.01
C SER D 27 -42.69 17.50 -17.52
N ILE D 28 -42.57 16.24 -17.11
CA ILE D 28 -43.52 15.22 -17.53
C ILE D 28 -44.72 15.12 -16.58
N PHE D 29 -44.52 15.41 -15.29
CA PHE D 29 -45.56 15.41 -14.27
C PHE D 29 -46.05 14.00 -13.95
N SER D 30 -46.37 13.21 -14.98
CA SER D 30 -46.84 11.85 -14.74
C SER D 30 -45.79 10.98 -14.07
N LEU D 31 -44.51 11.35 -14.19
CA LEU D 31 -43.42 10.59 -13.58
C LEU D 31 -42.91 11.20 -12.28
N ASN D 32 -43.25 12.46 -12.00
CA ASN D 32 -42.79 13.13 -10.80
C ASN D 32 -43.81 12.97 -9.69
N ASP D 33 -43.31 12.92 -8.45
CA ASP D 33 -44.14 12.76 -7.27
C ASP D 33 -44.58 14.13 -6.78
N MET D 34 -45.90 14.29 -6.58
CA MET D 34 -46.45 15.56 -6.13
C MET D 34 -46.60 15.55 -4.61
N GLY D 35 -47.01 16.70 -4.07
CA GLY D 35 -47.21 16.82 -2.64
C GLY D 35 -47.66 18.22 -2.29
N TRP D 36 -48.28 18.32 -1.11
CA TRP D 36 -48.78 19.59 -0.58
C TRP D 36 -48.16 19.87 0.78
N TYR D 37 -47.63 21.07 0.94
CA TYR D 37 -47.08 21.54 2.20
C TYR D 37 -47.76 22.83 2.60
N ARG D 38 -47.92 23.04 3.91
CA ARG D 38 -48.58 24.23 4.45
C ARG D 38 -47.69 24.90 5.47
N GLN D 39 -47.85 26.22 5.58
CA GLN D 39 -47.07 27.05 6.50
C GLN D 39 -48.02 27.79 7.43
N ALA D 40 -48.03 27.38 8.70
CA ALA D 40 -48.88 27.99 9.71
C ALA D 40 -48.27 29.29 10.21
N PRO D 41 -49.09 30.16 10.83
CA PRO D 41 -48.54 31.40 11.40
C PRO D 41 -47.58 31.12 12.54
N GLY D 42 -46.32 31.48 12.35
CA GLY D 42 -45.30 31.26 13.37
C GLY D 42 -44.88 29.82 13.53
N LYS D 43 -45.09 28.98 12.52
CA LYS D 43 -44.73 27.58 12.59
C LYS D 43 -43.99 27.18 11.32
N LEU D 44 -43.24 26.09 11.42
CA LEU D 44 -42.51 25.55 10.28
C LEU D 44 -43.47 24.83 9.33
N ARG D 45 -43.02 24.65 8.09
CA ARG D 45 -43.87 24.00 7.11
C ARG D 45 -44.01 22.51 7.41
N GLU D 46 -45.21 21.99 7.17
CA GLU D 46 -45.57 20.62 7.53
C GLU D 46 -46.16 19.92 6.32
N LEU D 47 -45.62 18.74 5.99
CA LEU D 47 -46.17 17.93 4.92
C LEU D 47 -47.53 17.39 5.34
N VAL D 48 -48.56 17.66 4.54
CA VAL D 48 -49.90 17.20 4.83
C VAL D 48 -50.38 16.14 3.85
N ALA D 49 -49.91 16.17 2.60
CA ALA D 49 -50.36 15.20 1.61
C ALA D 49 -49.31 15.10 0.51
N ALA D 50 -49.06 13.88 0.05
CA ALA D 50 -48.09 13.63 -1.01
C ALA D 50 -48.50 12.37 -1.76
N ILE D 51 -48.48 12.44 -3.09
CA ILE D 51 -48.82 11.31 -3.94
C ILE D 51 -47.62 11.02 -4.83
N THR D 52 -47.25 9.74 -4.91
CA THR D 52 -46.10 9.33 -5.71
C THR D 52 -46.50 9.23 -7.19
N SER D 53 -45.54 8.81 -8.01
CA SER D 53 -45.83 8.62 -9.43
C SER D 53 -46.78 7.44 -9.65
N GLY D 54 -46.61 6.37 -8.87
CA GLY D 54 -47.50 5.23 -9.00
C GLY D 54 -48.89 5.50 -8.48
N GLY D 55 -49.01 6.38 -7.49
CA GLY D 55 -50.30 6.72 -6.94
C GLY D 55 -50.40 6.50 -5.45
N SER D 56 -49.26 6.17 -4.81
CA SER D 56 -49.24 5.97 -3.37
C SER D 56 -49.37 7.30 -2.66
N THR D 57 -50.45 7.48 -1.90
CA THR D 57 -50.74 8.72 -1.22
C THR D 57 -50.37 8.62 0.25
N LYS D 58 -49.65 9.62 0.76
CA LYS D 58 -49.27 9.70 2.15
C LYS D 58 -49.82 10.99 2.75
N TYR D 59 -50.39 10.89 3.95
CA TYR D 59 -51.02 12.01 4.63
C TYR D 59 -50.40 12.21 6.00
N ALA D 60 -50.71 13.36 6.59
CA ALA D 60 -50.27 13.68 7.94
C ALA D 60 -51.31 13.25 8.95
N ASP D 61 -50.86 12.99 10.19
CA ASP D 61 -51.76 12.53 11.23
C ASP D 61 -52.78 13.60 11.61
N SER D 62 -52.42 14.88 11.48
CA SER D 62 -53.33 15.96 11.80
C SER D 62 -54.41 16.15 10.73
N VAL D 63 -54.18 15.66 9.51
CA VAL D 63 -55.12 15.80 8.42
C VAL D 63 -55.55 14.46 7.86
N LYS D 64 -55.24 13.37 8.55
CA LYS D 64 -55.59 12.03 8.07
C LYS D 64 -57.10 11.84 8.12
N GLY D 65 -57.68 11.39 7.00
CA GLY D 65 -59.10 11.15 6.91
C GLY D 65 -59.92 12.35 6.52
N ARG D 66 -59.43 13.57 6.78
CA ARG D 66 -60.11 14.80 6.39
C ARG D 66 -59.65 15.34 5.04
N PHE D 67 -58.37 15.18 4.70
CA PHE D 67 -57.85 15.62 3.42
C PHE D 67 -57.68 14.42 2.49
N THR D 68 -57.70 14.71 1.19
CA THR D 68 -57.59 13.67 0.15
C THR D 68 -56.84 14.26 -1.03
N ILE D 69 -55.70 13.67 -1.36
CA ILE D 69 -54.86 14.15 -2.46
C ILE D 69 -55.03 13.22 -3.65
N SER D 70 -55.01 13.81 -4.85
CA SER D 70 -55.13 13.06 -6.09
C SER D 70 -54.54 13.91 -7.20
N ARG D 71 -54.47 13.34 -8.40
CA ARG D 71 -53.89 14.04 -9.53
C ARG D 71 -54.57 13.60 -10.81
N ASP D 72 -54.44 14.44 -11.85
CA ASP D 72 -54.97 14.15 -13.18
C ASP D 72 -53.83 14.38 -14.17
N ASN D 73 -53.22 13.28 -14.64
CA ASN D 73 -52.12 13.40 -15.58
C ASN D 73 -52.55 13.96 -16.92
N ALA D 74 -53.85 13.87 -17.25
CA ALA D 74 -54.32 14.45 -18.50
C ALA D 74 -54.32 15.97 -18.47
N LYS D 75 -54.46 16.56 -17.28
CA LYS D 75 -54.43 18.00 -17.11
C LYS D 75 -53.21 18.49 -16.35
N ASN D 76 -52.32 17.58 -15.93
CA ASN D 76 -51.07 17.93 -15.25
C ASN D 76 -51.34 18.73 -13.98
N THR D 77 -52.30 18.26 -13.19
CA THR D 77 -52.72 18.98 -11.99
C THR D 77 -52.90 18.00 -10.84
N VAL D 78 -52.33 18.34 -9.69
CA VAL D 78 -52.51 17.58 -8.45
C VAL D 78 -53.53 18.32 -7.59
N TYR D 79 -54.51 17.58 -7.08
CA TYR D 79 -55.61 18.14 -6.32
C TYR D 79 -55.49 17.78 -4.85
N LEU D 80 -56.15 18.58 -4.01
CA LEU D 80 -56.15 18.36 -2.56
C LEU D 80 -57.54 18.74 -2.03
N GLN D 81 -58.36 17.73 -1.75
CA GLN D 81 -59.69 17.96 -1.20
C GLN D 81 -59.58 18.17 0.31
N MET D 82 -60.11 19.30 0.78
CA MET D 82 -60.01 19.69 2.19
C MET D 82 -61.42 19.69 2.79
N ASN D 83 -61.70 18.69 3.63
CA ASN D 83 -62.99 18.56 4.27
C ASN D 83 -62.85 18.74 5.79
N SER D 84 -63.91 19.22 6.41
CA SER D 84 -63.98 19.44 7.86
C SER D 84 -62.83 20.34 8.33
N LEU D 85 -62.77 21.54 7.75
CA LEU D 85 -61.68 22.46 8.03
C LEU D 85 -61.78 23.00 9.45
N LYS D 86 -60.65 23.00 10.16
CA LYS D 86 -60.55 23.51 11.52
C LYS D 86 -59.77 24.82 11.52
N ALA D 87 -59.67 25.43 12.70
CA ALA D 87 -58.87 26.64 12.84
C ALA D 87 -57.39 26.36 12.72
N GLU D 88 -56.95 25.14 13.04
CA GLU D 88 -55.56 24.76 12.92
C GLU D 88 -55.14 24.52 11.47
N ASP D 89 -56.09 24.39 10.54
CA ASP D 89 -55.77 24.24 9.13
C ASP D 89 -55.52 25.57 8.44
N THR D 90 -55.62 26.69 9.16
CA THR D 90 -55.39 28.01 8.59
C THR D 90 -53.90 28.19 8.32
N ALA D 91 -53.51 28.02 7.06
CA ALA D 91 -52.09 28.10 6.69
C ALA D 91 -51.99 28.40 5.21
N VAL D 92 -50.79 28.77 4.79
CA VAL D 92 -50.47 28.99 3.38
C VAL D 92 -49.98 27.67 2.79
N TYR D 93 -50.77 27.12 1.86
CA TYR D 93 -50.48 25.80 1.30
C TYR D 93 -49.58 25.94 0.07
N TYR D 94 -48.51 25.15 0.05
CA TYR D 94 -47.56 25.14 -1.06
C TYR D 94 -47.64 23.81 -1.79
N CYS D 95 -47.44 23.87 -3.10
CA CYS D 95 -47.47 22.69 -3.95
C CYS D 95 -46.05 22.28 -4.28
N ASN D 96 -45.68 21.05 -3.93
CA ASN D 96 -44.33 20.55 -4.09
C ASN D 96 -44.25 19.62 -5.31
N ALA D 97 -43.15 19.73 -6.05
CA ALA D 97 -42.91 18.93 -7.24
C ALA D 97 -41.51 18.35 -7.17
N LYS D 98 -41.41 17.02 -7.07
CA LYS D 98 -40.13 16.33 -7.00
C LYS D 98 -39.81 15.79 -8.38
N VAL D 99 -39.18 16.62 -9.20
CA VAL D 99 -38.77 16.25 -10.55
C VAL D 99 -37.38 15.64 -10.49
N ALA D 100 -37.27 14.39 -10.92
CA ALA D 100 -35.98 13.70 -10.93
C ALA D 100 -35.14 14.16 -12.12
N GLY D 101 -33.86 14.36 -11.86
CA GLY D 101 -32.90 14.80 -12.87
C GLY D 101 -32.05 13.64 -13.36
N THR D 102 -30.76 13.94 -13.57
CA THR D 102 -29.83 12.90 -14.00
C THR D 102 -29.35 12.07 -12.82
N PHE D 103 -28.77 12.71 -11.81
CA PHE D 103 -28.27 12.03 -10.64
C PHE D 103 -29.08 12.27 -9.37
N SER D 104 -29.84 13.37 -9.30
CA SER D 104 -30.56 13.72 -8.09
C SER D 104 -31.95 14.23 -8.45
N ILE D 105 -32.82 14.30 -7.44
CA ILE D 105 -34.18 14.80 -7.57
C ILE D 105 -34.22 16.25 -7.12
N TYR D 106 -34.76 17.12 -7.97
CA TYR D 106 -34.84 18.54 -7.69
C TYR D 106 -36.23 18.90 -7.16
N ASP D 107 -36.26 19.61 -6.04
CA ASP D 107 -37.52 20.03 -5.43
C ASP D 107 -37.90 21.41 -5.94
N TYR D 108 -39.09 21.51 -6.51
CA TYR D 108 -39.64 22.77 -6.98
C TYR D 108 -40.91 23.09 -6.22
N TRP D 109 -41.11 24.38 -5.93
CA TRP D 109 -42.22 24.83 -5.12
C TRP D 109 -43.02 25.89 -5.85
N GLY D 110 -44.31 25.99 -5.51
CA GLY D 110 -45.17 27.02 -6.05
C GLY D 110 -45.14 28.29 -5.22
N GLN D 111 -45.83 29.31 -5.72
CA GLN D 111 -45.89 30.57 -4.99
C GLN D 111 -46.63 30.43 -3.67
N GLY D 112 -47.56 29.48 -3.58
CA GLY D 112 -48.28 29.24 -2.35
C GLY D 112 -49.60 29.95 -2.25
N THR D 113 -50.68 29.21 -2.01
CA THR D 113 -52.00 29.76 -1.81
C THR D 113 -52.34 29.79 -0.32
N GLN D 114 -53.09 30.80 0.08
CA GLN D 114 -53.43 31.02 1.47
C GLN D 114 -54.86 30.60 1.75
N VAL D 115 -55.05 29.75 2.75
CA VAL D 115 -56.36 29.25 3.14
C VAL D 115 -56.61 29.66 4.59
N THR D 116 -57.62 30.49 4.79
CA THR D 116 -57.99 30.98 6.12
C THR D 116 -59.35 30.42 6.50
N VAL D 117 -59.45 29.89 7.72
CA VAL D 117 -60.68 29.29 8.23
C VAL D 117 -61.16 30.12 9.41
N SER D 118 -62.34 30.73 9.27
CA SER D 118 -62.94 31.52 10.33
C SER D 118 -63.88 30.65 11.15
N SER D 119 -63.83 30.82 12.46
CA SER D 119 -64.66 30.03 13.38
C SER D 119 -65.86 30.86 13.85
N HIS D 120 -66.68 31.25 12.88
CA HIS D 120 -67.89 32.02 13.17
C HIS D 120 -69.14 31.19 12.94
#